data_6XJO
#
_entry.id   6XJO
#
_cell.length_a   44.480
_cell.length_b   88.040
_cell.length_c   168.820
_cell.angle_alpha   90.000
_cell.angle_beta   90.000
_cell.angle_gamma   90.000
#
_symmetry.space_group_name_H-M   'P 21 21 21'
#
loop_
_entity.id
_entity.type
_entity.pdbx_description
1 polymer Atlastin-3
2 non-polymer "GUANOSINE-5'-DIPHOSPHATE"
3 non-polymer 'MAGNESIUM ION'
4 water water
#
_entity_poly.entity_id   1
_entity_poly.type   'polypeptide(L)'
_entity_poly.pdbx_seq_one_letter_code
;MLSPQRVAAAASRGADDAMESSKPGPVQVVLVQKDQHSFELDEKALASILLQDHIRDLDVVVVSVAGAFRKGKSFILDFM
LRYLYSQKESGHSNWLGDPEEPLTGFSWRGGSDPETTGIQIWSEVFTVEKPGGKKVAVVLMDTQGAFDSQSTVKDCATIF
ALSTMTSSVQIYNLSQNIQEDDLQQLQLFTEYGRLAMDEIFQKPFQTLMFLVRDWSFPYEYSYGLQGGMAFLDKRLQVKE
HQHEEIQNVRNHIHSCFSDVTCFLLPHPGLQVATSPDFDGKLKDIAGEFKEQLQALIPYVLNPSKLMEKEINGSKVTCRG
LLEYFKAYIKIYQG
;
_entity_poly.pdbx_strand_id   A,B
#
loop_
_chem_comp.id
_chem_comp.type
_chem_comp.name
_chem_comp.formula
GDP RNA linking GUANOSINE-5'-DIPHOSPHATE 'C10 H15 N5 O11 P2'
MG non-polymer 'MAGNESIUM ION' 'Mg 2'
#
# COMPACT_ATOMS: atom_id res chain seq x y z
N MET A 1 -36.27 54.26 5.87
CA MET A 1 -34.83 54.38 5.75
C MET A 1 -34.16 53.80 7.01
N LEU A 2 -33.27 52.83 6.77
CA LEU A 2 -32.50 52.23 7.86
C LEU A 2 -31.50 53.25 8.42
N SER A 3 -31.21 53.09 9.71
CA SER A 3 -30.28 53.97 10.39
C SER A 3 -28.88 53.86 9.79
N PRO A 4 -28.14 54.97 9.69
CA PRO A 4 -26.73 54.91 9.30
C PRO A 4 -25.94 53.83 10.02
N GLN A 5 -25.98 53.83 11.36
CA GLN A 5 -25.22 52.86 12.14
C GLN A 5 -25.62 51.43 11.79
N ARG A 6 -26.93 51.19 11.61
CA ARG A 6 -27.40 49.86 11.23
C ARG A 6 -26.96 49.50 9.82
N VAL A 7 -26.84 50.48 8.92
CA VAL A 7 -26.38 50.19 7.57
C VAL A 7 -24.94 49.71 7.60
N ALA A 8 -24.07 50.44 8.31
CA ALA A 8 -22.69 50.02 8.41
C ALA A 8 -22.57 48.70 9.15
N ALA A 9 -23.47 48.44 10.10
CA ALA A 9 -23.47 47.14 10.79
C ALA A 9 -23.80 46.03 9.82
N ALA A 10 -24.86 46.20 9.02
CA ALA A 10 -25.23 45.19 8.05
C ALA A 10 -24.11 45.01 7.02
N ALA A 11 -23.49 46.11 6.57
CA ALA A 11 -22.32 45.99 5.72
C ALA A 11 -21.19 45.26 6.45
N SER A 12 -21.08 45.46 7.77
CA SER A 12 -20.04 44.79 8.55
C SER A 12 -20.26 43.30 8.62
N ARG A 13 -21.51 42.87 8.84
CA ARG A 13 -21.78 41.44 8.84
C ARG A 13 -21.66 40.87 7.43
N GLY A 14 -21.92 41.68 6.40
CA GLY A 14 -21.68 41.23 5.04
C GLY A 14 -20.22 40.93 4.78
N ALA A 15 -19.33 41.86 5.17
CA ALA A 15 -17.90 41.61 5.02
C ALA A 15 -17.38 40.53 5.97
N ASP A 16 -18.11 40.22 7.04
CA ASP A 16 -17.70 39.13 7.91
C ASP A 16 -17.92 37.78 7.22
N ASP A 17 -19.11 37.57 6.65
CA ASP A 17 -19.36 36.34 5.90
C ASP A 17 -18.54 36.27 4.63
N ALA A 18 -18.13 37.41 4.07
CA ALA A 18 -17.27 37.40 2.88
C ALA A 18 -15.92 36.78 3.21
N MET A 19 -15.30 37.20 4.31
CA MET A 19 -13.99 36.67 4.67
C MET A 19 -14.10 35.22 5.14
N GLU A 20 -15.17 34.88 5.86
CA GLU A 20 -15.33 33.52 6.36
C GLU A 20 -15.57 32.55 5.22
N SER A 21 -16.41 32.91 4.25
CA SER A 21 -16.70 32.02 3.13
C SER A 21 -15.53 31.88 2.17
N SER A 22 -14.61 32.83 2.17
CA SER A 22 -13.41 32.77 1.33
C SER A 22 -12.15 32.51 2.16
N LYS A 23 -12.31 31.86 3.30
CA LYS A 23 -11.18 31.51 4.15
C LYS A 23 -10.21 30.63 3.36
N PRO A 24 -8.92 30.67 3.70
CA PRO A 24 -7.93 29.91 2.93
C PRO A 24 -8.30 28.44 2.87
N GLY A 25 -8.33 27.90 1.65
CA GLY A 25 -8.61 26.52 1.44
C GLY A 25 -8.19 26.05 0.07
N PRO A 26 -8.40 24.77 -0.21
CA PRO A 26 -8.06 24.24 -1.53
C PRO A 26 -9.05 24.72 -2.58
N VAL A 27 -8.55 25.00 -3.78
CA VAL A 27 -9.37 25.44 -4.89
C VAL A 27 -9.22 24.42 -5.99
N GLN A 28 -10.34 23.89 -6.46
CA GLN A 28 -10.33 22.97 -7.58
C GLN A 28 -10.07 23.78 -8.84
N VAL A 29 -8.92 23.56 -9.48
CA VAL A 29 -8.54 24.37 -10.62
C VAL A 29 -8.57 23.58 -11.92
N VAL A 30 -8.30 22.27 -11.87
CA VAL A 30 -8.43 21.38 -13.03
C VAL A 30 -9.28 20.19 -12.60
N LEU A 31 -10.35 19.93 -13.33
CA LEU A 31 -11.33 18.91 -12.96
C LEU A 31 -11.57 17.97 -14.14
N VAL A 32 -11.84 16.70 -13.80
CA VAL A 32 -12.18 15.65 -14.76
C VAL A 32 -13.46 14.97 -14.26
N GLN A 33 -14.28 14.50 -15.20
CA GLN A 33 -15.40 13.61 -14.89
C GLN A 33 -16.01 13.16 -16.22
N LYS A 34 -17.16 12.47 -16.14
CA LYS A 34 -17.98 12.13 -17.31
C LYS A 34 -19.34 11.60 -16.88
N HIS A 37 -15.38 12.15 -20.81
CA HIS A 37 -14.13 12.46 -20.13
C HIS A 37 -13.86 13.97 -20.11
N SER A 38 -12.75 14.38 -20.74
CA SER A 38 -12.41 15.77 -21.01
C SER A 38 -11.96 16.55 -19.77
N PHE A 39 -11.10 17.55 -20.00
CA PHE A 39 -10.42 18.30 -18.94
C PHE A 39 -10.91 19.74 -18.95
N GLU A 40 -11.37 20.21 -17.79
CA GLU A 40 -11.85 21.59 -17.63
C GLU A 40 -10.93 22.34 -16.67
N LEU A 41 -10.61 23.57 -17.02
CA LEU A 41 -9.75 24.43 -16.22
C LEU A 41 -10.55 25.63 -15.76
N ASP A 42 -10.72 25.78 -14.45
CA ASP A 42 -11.48 26.88 -13.88
C ASP A 42 -10.60 28.13 -13.89
N GLU A 43 -10.59 28.81 -15.03
CA GLU A 43 -9.68 29.94 -15.22
C GLU A 43 -9.97 31.07 -14.24
N LYS A 44 -11.26 31.38 -14.02
CA LYS A 44 -11.59 32.44 -13.07
C LYS A 44 -11.04 32.12 -11.69
N ALA A 45 -11.25 30.89 -11.22
CA ALA A 45 -10.75 30.50 -9.91
C ALA A 45 -9.22 30.56 -9.87
N LEU A 46 -8.58 30.08 -10.93
CA LEU A 46 -7.11 30.05 -10.94
C LEU A 46 -6.54 31.46 -11.03
N ALA A 47 -7.16 32.33 -11.84
CA ALA A 47 -6.66 33.68 -11.97
C ALA A 47 -6.86 34.48 -10.69
N SER A 48 -7.93 34.21 -9.95
CA SER A 48 -8.12 34.91 -8.67
C SER A 48 -7.02 34.60 -7.68
N ILE A 49 -6.39 33.44 -7.80
CA ILE A 49 -5.27 33.10 -6.95
C ILE A 49 -3.99 33.75 -7.46
N LEU A 50 -3.65 33.54 -8.72
CA LEU A 50 -2.33 33.87 -9.25
C LEU A 50 -2.16 35.34 -9.61
N LEU A 51 -3.25 36.10 -9.77
CA LEU A 51 -3.17 37.47 -10.24
C LEU A 51 -3.38 38.51 -9.14
N GLN A 52 -3.42 38.10 -7.87
CA GLN A 52 -3.47 39.06 -6.77
C GLN A 52 -2.31 40.03 -6.91
N ASP A 53 -2.61 41.32 -6.72
CA ASP A 53 -1.65 42.40 -6.96
C ASP A 53 -0.24 42.09 -6.47
N HIS A 54 -0.13 41.69 -5.21
CA HIS A 54 1.16 41.59 -4.53
C HIS A 54 2.01 40.41 -5.00
N ILE A 55 1.42 39.43 -5.69
CA ILE A 55 2.15 38.25 -6.14
C ILE A 55 2.17 38.08 -7.65
N ARG A 56 1.42 38.90 -8.40
CA ARG A 56 1.20 38.64 -9.82
C ARG A 56 2.51 38.57 -10.60
N ASP A 57 3.48 39.42 -10.24
CA ASP A 57 4.70 39.55 -11.03
C ASP A 57 5.92 38.95 -10.36
N LEU A 58 5.74 38.29 -9.22
CA LEU A 58 6.83 37.56 -8.58
C LEU A 58 7.08 36.24 -9.29
N ASP A 59 8.34 35.85 -9.37
CA ASP A 59 8.66 34.51 -9.84
C ASP A 59 8.02 33.50 -8.89
N VAL A 60 7.53 32.39 -9.44
CA VAL A 60 6.71 31.46 -8.68
C VAL A 60 7.51 30.18 -8.41
N VAL A 61 7.34 29.65 -7.21
CA VAL A 61 7.86 28.36 -6.77
C VAL A 61 6.65 27.45 -6.59
N VAL A 62 6.57 26.38 -7.36
CA VAL A 62 5.40 25.50 -7.36
C VAL A 62 5.81 24.15 -6.78
N VAL A 63 5.24 23.84 -5.61
CA VAL A 63 5.47 22.56 -4.95
C VAL A 63 4.21 21.73 -5.10
N SER A 64 4.34 20.59 -5.78
CA SER A 64 3.22 19.74 -6.13
C SER A 64 3.36 18.37 -5.47
N VAL A 65 2.28 17.89 -4.88
CA VAL A 65 2.21 16.52 -4.37
C VAL A 65 1.23 15.76 -5.26
N ALA A 66 1.65 14.57 -5.72
CA ALA A 66 0.90 13.89 -6.76
C ALA A 66 0.87 12.39 -6.52
N GLY A 67 -0.28 11.79 -6.78
CA GLY A 67 -0.38 10.35 -6.70
C GLY A 67 -1.83 9.91 -6.60
N ALA A 68 -1.99 8.62 -6.32
CA ALA A 68 -3.30 8.00 -6.32
C ALA A 68 -4.08 8.40 -5.06
N PHE A 69 -5.37 8.10 -5.08
CA PHE A 69 -6.26 8.47 -3.99
C PHE A 69 -5.86 7.76 -2.70
N ARG A 70 -6.12 8.42 -1.57
CA ARG A 70 -6.05 7.80 -0.26
C ARG A 70 -4.63 7.35 0.10
N LYS A 71 -3.62 8.10 -0.32
CA LYS A 71 -2.23 7.80 0.02
C LYS A 71 -1.62 8.80 1.00
N GLY A 72 -2.43 9.65 1.60
CA GLY A 72 -1.92 10.60 2.57
C GLY A 72 -1.34 11.86 1.99
N LYS A 73 -1.68 12.19 0.73
CA LYS A 73 -1.21 13.43 0.12
C LYS A 73 -1.66 14.66 0.90
N SER A 74 -2.97 14.76 1.19
CA SER A 74 -3.41 15.97 1.88
C SER A 74 -2.84 16.05 3.31
N PHE A 75 -2.57 14.91 3.94
CA PHE A 75 -1.96 14.96 5.27
C PHE A 75 -0.59 15.62 5.21
N ILE A 76 0.23 15.24 4.24
CA ILE A 76 1.55 15.83 4.12
C ILE A 76 1.44 17.31 3.72
N LEU A 77 0.44 17.66 2.89
CA LEU A 77 0.24 19.06 2.52
C LEU A 77 -0.11 19.92 3.74
N ASP A 78 -0.89 19.36 4.66
CA ASP A 78 -1.24 20.10 5.87
C ASP A 78 -0.02 20.46 6.70
N PHE A 79 0.97 19.55 6.78
CA PHE A 79 2.21 19.91 7.48
C PHE A 79 3.02 20.93 6.69
N MET A 80 2.96 20.87 5.37
CA MET A 80 3.62 21.92 4.59
C MET A 80 2.99 23.27 4.89
N LEU A 81 1.65 23.32 4.98
CA LEU A 81 0.95 24.56 5.31
C LEU A 81 1.34 25.06 6.70
N ARG A 82 1.43 24.15 7.67
CA ARG A 82 1.85 24.53 9.01
C ARG A 82 3.22 25.18 9.00
N TYR A 83 4.16 24.59 8.27
CA TYR A 83 5.46 25.24 8.08
C TYR A 83 5.30 26.63 7.47
N LEU A 84 4.55 26.74 6.37
CA LEU A 84 4.48 28.01 5.66
C LEU A 84 3.77 29.07 6.48
N TYR A 85 2.69 28.70 7.18
CA TYR A 85 2.02 29.65 8.06
C TYR A 85 2.89 30.02 9.25
N SER A 86 3.69 29.08 9.75
CA SER A 86 4.68 29.42 10.77
C SER A 86 5.68 30.44 10.25
N GLN A 87 6.27 30.15 9.10
CA GLN A 87 7.24 31.04 8.47
C GLN A 87 6.66 32.42 8.24
N LYS A 88 5.37 32.49 7.94
CA LYS A 88 4.72 33.74 7.58
C LYS A 88 4.77 34.75 8.73
N GLU A 89 4.34 34.35 9.93
CA GLU A 89 4.25 35.34 11.02
C GLU A 89 4.74 34.70 12.32
N SER A 90 6.06 34.58 12.44
CA SER A 90 6.69 34.06 13.66
C SER A 90 8.20 34.10 13.51
N ASN A 94 7.46 26.23 17.54
CA ASN A 94 7.71 24.99 16.81
C ASN A 94 6.56 24.73 15.81
N TRP A 95 6.87 24.87 14.52
CA TRP A 95 5.83 24.86 13.49
C TRP A 95 5.00 23.58 13.52
N LEU A 96 5.56 22.49 14.04
CA LEU A 96 4.82 21.24 14.11
C LEU A 96 3.64 21.34 15.07
N GLY A 97 3.74 22.14 16.13
CA GLY A 97 2.72 22.23 17.15
C GLY A 97 3.21 21.74 18.50
N ASP A 98 2.29 21.79 19.51
CA ASP A 98 2.60 21.27 20.83
C ASP A 98 1.98 19.89 21.02
N PRO A 99 2.65 19.00 21.78
CA PRO A 99 2.19 17.59 21.83
C PRO A 99 0.73 17.38 22.26
N GLU A 100 0.23 18.12 23.27
CA GLU A 100 -1.10 17.84 23.79
C GLU A 100 -2.21 18.46 22.95
N GLU A 101 -1.88 19.20 21.91
CA GLU A 101 -2.90 19.92 21.17
C GLU A 101 -3.36 19.16 19.93
N PRO A 102 -4.65 19.22 19.62
CA PRO A 102 -5.12 18.70 18.33
C PRO A 102 -4.35 19.34 17.19
N LEU A 103 -4.18 18.61 16.11
CA LEU A 103 -3.65 19.20 14.89
C LEU A 103 -4.61 20.28 14.43
N THR A 104 -4.25 21.54 14.56
CA THR A 104 -5.18 22.58 14.16
C THR A 104 -4.51 23.50 13.15
N GLY A 105 -5.34 24.18 12.38
CA GLY A 105 -4.88 25.02 11.29
C GLY A 105 -5.77 24.88 10.08
N PHE A 106 -5.49 25.64 9.04
CA PHE A 106 -6.18 25.43 7.77
C PHE A 106 -5.80 24.06 7.22
N SER A 107 -6.81 23.28 6.84
CA SER A 107 -6.57 21.91 6.42
C SER A 107 -6.99 21.72 4.96
N TRP A 108 -6.48 20.66 4.37
CA TRP A 108 -6.69 20.39 2.94
C TRP A 108 -7.86 19.44 2.67
N ARG A 109 -7.92 18.30 3.36
CA ARG A 109 -9.02 17.36 3.14
C ARG A 109 -10.35 17.87 3.67
N GLY A 110 -10.34 18.76 4.66
CA GLY A 110 -11.56 19.42 5.06
C GLY A 110 -12.19 20.23 3.94
N GLY A 111 -11.36 20.71 3.00
CA GLY A 111 -11.85 21.46 1.86
C GLY A 111 -11.57 20.78 0.53
N PRO A 114 -12.68 13.63 -0.84
CA PRO A 114 -13.02 13.87 -2.24
C PRO A 114 -12.34 12.87 -3.16
N GLU A 115 -13.16 12.15 -3.93
CA GLU A 115 -12.68 11.26 -4.97
C GLU A 115 -12.56 11.96 -6.32
N THR A 116 -12.34 13.27 -6.31
CA THR A 116 -12.27 14.04 -7.55
C THR A 116 -10.91 13.84 -8.21
N THR A 117 -10.91 13.55 -9.51
CA THR A 117 -9.68 13.50 -10.27
C THR A 117 -9.37 14.91 -10.77
N GLY A 118 -8.20 15.42 -10.42
CA GLY A 118 -7.80 16.72 -10.94
C GLY A 118 -6.70 17.33 -10.11
N ILE A 119 -6.62 18.66 -10.21
CA ILE A 119 -5.59 19.45 -9.53
C ILE A 119 -6.28 20.47 -8.63
N GLN A 120 -5.80 20.56 -7.39
CA GLN A 120 -6.22 21.60 -6.47
C GLN A 120 -5.02 22.44 -6.05
N ILE A 121 -5.24 23.73 -5.88
CA ILE A 121 -4.20 24.68 -5.49
C ILE A 121 -4.68 25.41 -4.24
N TRP A 122 -3.80 25.53 -3.25
CA TRP A 122 -4.10 26.34 -2.07
C TRP A 122 -4.39 27.77 -2.50
N SER A 123 -5.46 28.35 -1.93
CA SER A 123 -5.91 29.66 -2.36
C SER A 123 -4.97 30.78 -1.93
N GLU A 124 -4.15 30.55 -0.90
CA GLU A 124 -3.23 31.57 -0.43
C GLU A 124 -1.85 31.29 -0.99
N VAL A 125 -1.30 32.27 -1.69
CA VAL A 125 0.08 32.24 -2.16
C VAL A 125 0.96 32.85 -1.08
N PHE A 126 2.05 32.16 -0.73
CA PHE A 126 2.99 32.64 0.27
C PHE A 126 4.16 33.34 -0.41
N THR A 127 4.51 34.52 0.08
CA THR A 127 5.71 35.21 -0.38
C THR A 127 6.81 35.03 0.66
N VAL A 128 7.94 34.46 0.23
CA VAL A 128 9.08 34.17 1.09
C VAL A 128 10.30 34.91 0.57
N GLU A 129 11.13 35.40 1.48
CA GLU A 129 12.38 36.05 1.12
C GLU A 129 13.51 35.03 1.14
N LYS A 130 14.12 34.79 -0.03
CA LYS A 130 15.24 33.87 -0.12
C LYS A 130 16.51 34.49 0.48
N PRO A 131 17.53 33.68 0.75
CA PRO A 131 18.82 34.25 1.16
C PRO A 131 19.32 35.27 0.16
N GLY A 132 19.60 36.47 0.64
CA GLY A 132 20.04 37.55 -0.22
C GLY A 132 18.97 38.56 -0.56
N GLY A 133 17.70 38.24 -0.31
CA GLY A 133 16.65 39.24 -0.31
C GLY A 133 15.66 39.14 -1.45
N LYS A 134 15.79 38.19 -2.36
CA LYS A 134 14.81 38.05 -3.44
C LYS A 134 13.56 37.40 -2.89
N LYS A 135 12.42 38.06 -3.07
CA LYS A 135 11.15 37.52 -2.59
C LYS A 135 10.46 36.78 -3.74
N VAL A 136 9.95 35.58 -3.44
CA VAL A 136 9.29 34.74 -4.42
C VAL A 136 7.92 34.32 -3.89
N ALA A 137 7.06 33.91 -4.82
CA ALA A 137 5.74 33.38 -4.47
C ALA A 137 5.78 31.87 -4.45
N VAL A 138 5.15 31.28 -3.43
CA VAL A 138 5.13 29.84 -3.22
C VAL A 138 3.68 29.35 -3.35
N VAL A 139 3.48 28.37 -4.24
CA VAL A 139 2.15 27.83 -4.53
C VAL A 139 2.16 26.34 -4.22
N LEU A 140 1.15 25.87 -3.53
CA LEU A 140 1.01 24.47 -3.14
C LEU A 140 -0.09 23.85 -3.97
N MET A 141 0.20 22.67 -4.52
CA MET A 141 -0.66 22.03 -5.50
C MET A 141 -0.87 20.57 -5.11
N ASP A 142 -2.09 20.08 -5.29
CA ASP A 142 -2.46 18.71 -4.96
C ASP A 142 -3.01 18.07 -6.21
N THR A 143 -2.42 16.97 -6.62
CA THR A 143 -2.77 16.29 -7.86
C THR A 143 -3.16 14.87 -7.56
N GLN A 144 -4.33 14.47 -8.02
CA GLN A 144 -4.98 13.27 -7.57
C GLN A 144 -5.70 12.59 -8.73
N GLY A 145 -5.54 11.28 -8.81
CA GLY A 145 -6.29 10.49 -9.76
C GLY A 145 -5.87 9.05 -9.67
N ALA A 146 -6.75 8.19 -10.19
CA ALA A 146 -6.50 6.76 -10.22
C ALA A 146 -5.89 6.36 -11.54
N PHE A 147 -4.99 5.38 -11.49
CA PHE A 147 -4.51 4.69 -12.68
C PHE A 147 -4.63 3.20 -12.48
N ASP A 148 -5.74 2.78 -11.88
CA ASP A 148 -5.98 1.37 -11.60
C ASP A 148 -6.25 0.59 -12.89
N SER A 149 -7.13 1.11 -13.73
CA SER A 149 -7.75 0.35 -14.80
C SER A 149 -7.27 0.83 -16.17
N GLN A 150 -7.83 0.22 -17.22
CA GLN A 150 -7.60 0.69 -18.58
C GLN A 150 -8.33 2.00 -18.81
N SER A 151 -9.57 2.10 -18.35
CA SER A 151 -10.16 3.41 -18.22
C SER A 151 -9.66 4.06 -16.93
N THR A 152 -9.85 5.36 -16.82
CA THR A 152 -9.22 6.17 -15.76
C THR A 152 -7.70 5.96 -15.75
N VAL A 153 -7.09 6.09 -16.93
CA VAL A 153 -5.63 6.03 -17.03
C VAL A 153 -5.15 7.06 -18.05
N LYS A 154 -5.94 7.28 -19.11
CA LYS A 154 -5.60 8.35 -20.03
C LYS A 154 -5.76 9.71 -19.34
N ASP A 155 -6.83 9.88 -18.57
CA ASP A 155 -7.12 11.15 -17.94
C ASP A 155 -6.23 11.41 -16.74
N CYS A 156 -5.79 10.36 -16.03
CA CYS A 156 -4.86 10.59 -14.93
C CYS A 156 -3.47 10.92 -15.47
N ALA A 157 -3.10 10.34 -16.61
CA ALA A 157 -1.87 10.77 -17.27
C ALA A 157 -1.91 12.27 -17.57
N THR A 158 -3.04 12.77 -18.08
CA THR A 158 -3.14 14.17 -18.50
C THR A 158 -2.94 15.11 -17.32
N ILE A 159 -3.64 14.88 -16.22
CA ILE A 159 -3.53 15.81 -15.11
C ILE A 159 -2.19 15.64 -14.42
N PHE A 160 -1.65 14.42 -14.42
CA PHE A 160 -0.31 14.24 -13.86
C PHE A 160 0.74 14.94 -14.72
N ALA A 161 0.64 14.81 -16.05
CA ALA A 161 1.50 15.61 -16.93
C ALA A 161 1.36 17.09 -16.63
N LEU A 162 0.11 17.55 -16.43
CA LEU A 162 -0.15 18.98 -16.25
C LEU A 162 0.56 19.53 -15.01
N SER A 163 0.42 18.85 -13.86
CA SER A 163 1.09 19.38 -12.68
C SER A 163 2.61 19.20 -12.75
N THR A 164 3.10 18.17 -13.44
CA THR A 164 4.54 18.06 -13.66
C THR A 164 5.09 19.23 -14.49
N MET A 165 4.39 19.57 -15.58
CA MET A 165 4.84 20.67 -16.45
C MET A 165 4.86 22.00 -15.72
N THR A 166 4.06 22.16 -14.66
CA THR A 166 3.89 23.46 -14.03
C THR A 166 4.50 23.54 -12.63
N SER A 167 5.28 22.55 -12.20
CA SER A 167 5.79 22.48 -10.83
C SER A 167 7.31 22.65 -10.79
N SER A 168 7.81 23.25 -9.70
CA SER A 168 9.26 23.24 -9.49
C SER A 168 9.72 21.89 -8.98
N VAL A 169 8.94 21.29 -8.09
CA VAL A 169 9.22 19.96 -7.56
C VAL A 169 7.93 19.15 -7.66
N GLN A 170 8.03 17.97 -8.26
CA GLN A 170 6.93 17.04 -8.35
C GLN A 170 7.17 15.94 -7.32
N ILE A 171 6.41 15.97 -6.23
CA ILE A 171 6.53 14.97 -5.17
C ILE A 171 5.59 13.83 -5.53
N TYR A 172 6.16 12.75 -6.07
CA TYR A 172 5.42 11.56 -6.46
C TYR A 172 5.22 10.69 -5.22
N ASN A 173 3.99 10.68 -4.71
CA ASN A 173 3.68 10.17 -3.37
C ASN A 173 3.25 8.72 -3.46
N LEU A 174 4.13 7.80 -3.08
CA LEU A 174 3.88 6.37 -3.26
C LEU A 174 3.86 5.65 -1.91
N SER A 175 3.12 4.54 -1.84
CA SER A 175 2.95 3.81 -0.60
C SER A 175 3.94 2.65 -0.55
N GLN A 176 4.80 2.65 0.49
CA GLN A 176 5.63 1.52 0.88
C GLN A 176 6.83 1.20 -0.01
N ASN A 177 6.68 1.35 -1.33
CA ASN A 177 7.76 0.98 -2.25
C ASN A 177 7.48 1.60 -3.61
N ILE A 178 8.44 1.44 -4.52
CA ILE A 178 8.28 1.85 -5.91
C ILE A 178 7.96 0.60 -6.71
N GLN A 179 6.73 0.52 -7.21
CA GLN A 179 6.28 -0.64 -7.96
C GLN A 179 6.36 -0.40 -9.47
N GLU A 180 6.23 -1.50 -10.22
CA GLU A 180 6.30 -1.41 -11.67
C GLU A 180 5.21 -0.48 -12.21
N ASP A 181 3.99 -0.56 -11.66
CA ASP A 181 2.90 0.26 -12.15
C ASP A 181 3.11 1.74 -11.82
N ASP A 182 3.77 2.05 -10.71
CA ASP A 182 4.13 3.44 -10.42
C ASP A 182 5.11 3.96 -11.47
N LEU A 183 6.10 3.16 -11.82
CA LEU A 183 7.09 3.57 -12.81
C LEU A 183 6.49 3.65 -14.21
N GLN A 184 5.56 2.74 -14.53
CA GLN A 184 4.95 2.78 -15.86
C GLN A 184 4.07 4.01 -16.02
N GLN A 185 3.31 4.38 -14.97
CA GLN A 185 2.48 5.57 -15.10
C GLN A 185 3.34 6.84 -15.14
N LEU A 186 4.41 6.87 -14.33
CA LEU A 186 5.36 7.96 -14.39
C LEU A 186 5.89 8.14 -15.81
N GLN A 187 6.33 7.03 -16.42
CA GLN A 187 6.83 7.09 -17.79
C GLN A 187 5.78 7.68 -18.72
N LEU A 188 4.52 7.25 -18.57
CA LEU A 188 3.46 7.72 -19.45
C LEU A 188 3.24 9.23 -19.30
N PHE A 189 3.00 9.70 -18.06
CA PHE A 189 2.60 11.11 -17.94
C PHE A 189 3.78 12.06 -18.14
N THR A 190 5.01 11.63 -17.86
CA THR A 190 6.15 12.46 -18.25
C THR A 190 6.33 12.45 -19.76
N GLU A 191 5.96 11.36 -20.41
CA GLU A 191 5.94 11.35 -21.87
C GLU A 191 4.85 12.28 -22.40
N TYR A 192 3.63 12.18 -21.86
CA TYR A 192 2.56 13.04 -22.34
C TYR A 192 2.85 14.51 -22.07
N GLY A 193 3.52 14.82 -20.95
CA GLY A 193 3.88 16.20 -20.66
C GLY A 193 5.05 16.69 -21.50
N ARG A 194 5.98 15.80 -21.84
CA ARG A 194 7.16 16.16 -22.60
C ARG A 194 6.79 16.82 -23.92
N LEU A 195 5.77 16.29 -24.59
CA LEU A 195 5.45 16.73 -25.95
C LEU A 195 5.10 18.21 -25.98
N ALA A 196 4.32 18.68 -25.02
CA ALA A 196 3.94 20.09 -25.04
C ALA A 196 5.13 21.02 -24.82
N MET A 197 6.21 20.54 -24.21
CA MET A 197 7.42 21.32 -24.03
C MET A 197 8.22 21.35 -25.33
N ASP A 198 8.93 22.45 -25.56
CA ASP A 198 9.74 22.56 -26.77
C ASP A 198 11.16 22.01 -26.58
N GLU A 199 11.64 21.95 -25.33
CA GLU A 199 12.87 21.23 -24.99
C GLU A 199 14.11 21.79 -25.68
N ILE A 200 14.11 23.08 -25.98
CA ILE A 200 15.25 23.66 -26.67
C ILE A 200 16.31 24.11 -25.69
N PHE A 201 15.90 24.80 -24.63
CA PHE A 201 16.81 25.45 -23.71
C PHE A 201 17.01 24.71 -22.40
N GLN A 202 16.14 23.75 -22.09
CA GLN A 202 16.17 23.10 -20.79
C GLN A 202 15.49 21.75 -20.91
N LYS A 203 15.74 20.90 -19.91
CA LYS A 203 14.97 19.69 -19.79
C LYS A 203 13.50 20.04 -19.56
N PRO A 204 12.57 19.17 -19.96
CA PRO A 204 11.16 19.54 -19.83
C PRO A 204 10.74 19.86 -18.40
N PHE A 205 11.24 19.13 -17.41
CA PHE A 205 10.79 19.33 -16.04
C PHE A 205 11.98 19.55 -15.10
N GLN A 206 11.67 19.96 -13.87
CA GLN A 206 12.72 20.31 -12.94
C GLN A 206 13.02 19.16 -11.99
N THR A 207 12.50 19.21 -10.76
CA THR A 207 12.86 18.21 -9.77
C THR A 207 11.76 17.17 -9.63
N LEU A 208 12.14 15.91 -9.56
CA LEU A 208 11.26 14.79 -9.21
C LEU A 208 11.71 14.20 -7.88
N MET A 209 10.77 14.07 -6.94
CA MET A 209 11.02 13.44 -5.65
C MET A 209 10.10 12.24 -5.48
N PHE A 210 10.68 11.06 -5.34
CA PHE A 210 9.92 9.90 -4.89
C PHE A 210 9.74 10.01 -3.38
N LEU A 211 8.53 10.33 -2.92
CA LEU A 211 8.21 10.29 -1.49
C LEU A 211 7.60 8.93 -1.21
N VAL A 212 8.36 8.09 -0.50
CA VAL A 212 7.89 6.74 -0.16
C VAL A 212 7.31 6.77 1.26
N ARG A 213 6.02 6.53 1.35
CA ARG A 213 5.29 6.57 2.61
C ARG A 213 5.33 5.21 3.29
N ASP A 214 5.22 5.23 4.62
CA ASP A 214 5.18 4.01 5.42
C ASP A 214 6.41 3.13 5.15
N TRP A 215 7.58 3.74 4.96
CA TRP A 215 8.77 2.92 4.80
C TRP A 215 8.94 2.02 6.03
N SER A 216 9.10 0.72 5.79
CA SER A 216 9.15 -0.25 6.87
C SER A 216 10.49 -0.93 7.05
N PHE A 217 11.52 -0.52 6.30
CA PHE A 217 12.79 -1.25 6.31
C PHE A 217 13.97 -0.34 6.60
N PRO A 218 13.94 0.40 7.73
CA PRO A 218 15.06 1.31 8.01
C PRO A 218 16.36 0.59 8.29
N TYR A 219 16.32 -0.70 8.62
CA TYR A 219 17.54 -1.49 8.77
C TYR A 219 18.13 -1.87 7.43
N GLU A 220 17.41 -1.66 6.34
CA GLU A 220 17.98 -1.77 4.99
C GLU A 220 18.35 -0.40 4.44
N TYR A 221 17.44 0.55 4.46
CA TYR A 221 17.72 1.92 4.03
C TYR A 221 17.12 2.87 5.05
N SER A 222 17.96 3.71 5.64
CA SER A 222 17.51 4.61 6.69
C SER A 222 16.40 5.53 6.19
N TYR A 223 15.50 5.90 7.11
CA TYR A 223 14.54 6.96 6.82
C TYR A 223 15.26 8.22 6.33
N GLY A 224 14.58 8.99 5.50
CA GLY A 224 15.12 10.26 5.09
C GLY A 224 15.72 10.25 3.70
N LEU A 225 16.53 11.27 3.44
CA LEU A 225 17.08 11.55 2.11
C LEU A 225 18.23 10.62 1.74
N GLN A 226 19.24 10.51 2.61
CA GLN A 226 20.39 9.69 2.27
C GLN A 226 19.99 8.24 2.07
N GLY A 227 19.07 7.74 2.92
CA GLY A 227 18.56 6.39 2.72
C GLY A 227 17.77 6.28 1.43
N GLY A 228 16.93 7.29 1.14
CA GLY A 228 16.13 7.24 -0.06
C GLY A 228 16.97 7.24 -1.33
N MET A 229 18.07 8.00 -1.33
CA MET A 229 18.98 8.01 -2.49
C MET A 229 19.71 6.69 -2.64
N ALA A 230 20.12 6.06 -1.54
CA ALA A 230 20.74 4.75 -1.69
C ALA A 230 19.72 3.73 -2.18
N PHE A 231 18.46 3.91 -1.78
CA PHE A 231 17.38 3.00 -2.19
C PHE A 231 16.96 3.23 -3.65
N LEU A 232 16.77 4.50 -4.04
CA LEU A 232 16.18 4.80 -5.35
C LEU A 232 16.91 4.11 -6.50
N ASP A 233 18.20 4.37 -6.67
CA ASP A 233 18.87 3.89 -7.87
C ASP A 233 18.78 2.37 -7.96
N LYS A 234 19.05 1.67 -6.85
CA LYS A 234 19.02 0.21 -6.88
C LYS A 234 17.61 -0.33 -7.07
N ARG A 235 16.58 0.38 -6.59
CA ARG A 235 15.21 -0.08 -6.85
C ARG A 235 14.88 0.00 -8.34
N LEU A 236 15.32 1.08 -9.00
CA LEU A 236 15.00 1.29 -10.40
C LEU A 236 15.61 0.18 -11.28
N GLN A 237 16.89 -0.12 -11.06
CA GLN A 237 17.55 -1.17 -11.83
C GLN A 237 16.80 -2.49 -11.76
N VAL A 238 16.18 -2.78 -10.61
CA VAL A 238 15.43 -4.01 -10.44
C VAL A 238 14.17 -4.01 -11.31
N LYS A 239 13.37 -2.94 -11.22
CA LYS A 239 12.11 -2.89 -11.95
C LYS A 239 12.34 -2.87 -13.47
N GLU A 240 13.42 -2.23 -13.92
CA GLU A 240 13.78 -2.28 -15.34
C GLU A 240 14.01 -3.72 -15.79
N HIS A 241 14.74 -4.50 -14.98
CA HIS A 241 15.09 -5.87 -15.35
C HIS A 241 13.88 -6.80 -15.37
N GLN A 242 12.81 -6.45 -14.66
CA GLN A 242 11.68 -7.36 -14.48
C GLN A 242 10.55 -7.12 -15.47
N HIS A 243 10.28 -5.87 -15.85
CA HIS A 243 9.18 -5.54 -16.76
C HIS A 243 9.73 -4.74 -17.93
N GLU A 244 9.73 -5.34 -19.13
CA GLU A 244 10.32 -4.71 -20.31
C GLU A 244 9.66 -3.38 -20.65
N GLU A 245 8.39 -3.18 -20.28
CA GLU A 245 7.68 -1.94 -20.56
C GLU A 245 8.35 -0.71 -19.93
N ILE A 246 9.15 -0.87 -18.88
CA ILE A 246 9.85 0.25 -18.26
C ILE A 246 11.35 -0.03 -18.23
N GLN A 247 11.85 -0.76 -19.24
CA GLN A 247 13.22 -1.27 -19.24
C GLN A 247 14.26 -0.14 -19.18
N ASN A 248 13.90 1.06 -19.63
CA ASN A 248 14.84 2.18 -19.71
C ASN A 248 14.31 3.35 -18.91
N VAL A 249 13.70 3.07 -17.75
CA VAL A 249 13.00 4.12 -17.01
C VAL A 249 13.99 5.07 -16.33
N ARG A 250 15.16 4.59 -15.93
CA ARG A 250 16.09 5.47 -15.25
C ARG A 250 16.66 6.52 -16.20
N ASN A 251 17.09 6.09 -17.39
CA ASN A 251 17.53 7.06 -18.38
C ASN A 251 16.39 7.98 -18.78
N HIS A 252 15.18 7.43 -18.94
CA HIS A 252 14.04 8.27 -19.28
C HIS A 252 13.78 9.33 -18.21
N ILE A 253 13.86 8.95 -16.94
CA ILE A 253 13.65 9.90 -15.84
C ILE A 253 14.72 10.97 -15.87
N HIS A 254 15.98 10.56 -16.05
CA HIS A 254 17.04 11.55 -15.98
C HIS A 254 17.09 12.46 -17.19
N SER A 255 16.37 12.10 -18.27
CA SER A 255 16.30 12.96 -19.45
C SER A 255 15.19 14.01 -19.34
N CYS A 256 14.17 13.78 -18.50
CA CYS A 256 13.07 14.70 -18.36
C CYS A 256 13.23 15.67 -17.20
N PHE A 257 13.89 15.23 -16.14
CA PHE A 257 14.05 16.02 -14.92
C PHE A 257 15.52 16.39 -14.73
N SER A 258 15.73 17.63 -14.24
CA SER A 258 17.08 18.08 -13.90
C SER A 258 17.53 17.61 -12.53
N ASP A 259 16.63 17.11 -11.70
CA ASP A 259 17.01 16.53 -10.43
C ASP A 259 15.99 15.45 -10.06
N VAL A 260 16.49 14.32 -9.54
CA VAL A 260 15.66 13.23 -9.05
C VAL A 260 16.15 12.84 -7.67
N THR A 261 15.25 12.89 -6.69
CA THR A 261 15.58 12.54 -5.31
C THR A 261 14.57 11.53 -4.79
N CYS A 262 14.82 11.04 -3.58
CA CYS A 262 13.90 10.11 -2.95
C CYS A 262 14.03 10.28 -1.44
N PHE A 263 12.89 10.30 -0.76
CA PHE A 263 12.86 10.45 0.68
C PHE A 263 12.04 9.31 1.26
N LEU A 264 12.60 8.59 2.23
CA LEU A 264 11.90 7.47 2.87
C LEU A 264 11.25 7.95 4.17
N LEU A 265 9.89 7.89 4.21
CA LEU A 265 9.15 8.45 5.34
C LEU A 265 8.55 7.33 6.19
N PRO A 266 8.64 7.44 7.52
CA PRO A 266 8.04 6.42 8.40
C PRO A 266 6.53 6.40 8.31
N HIS A 267 5.97 5.29 8.79
CA HIS A 267 4.56 5.19 9.10
C HIS A 267 4.17 6.20 10.18
N PRO A 268 3.02 6.86 10.06
CA PRO A 268 2.61 7.87 11.05
C PRO A 268 1.90 7.31 12.29
N GLY A 269 1.75 6.00 12.42
CA GLY A 269 1.01 5.49 13.55
C GLY A 269 -0.38 5.04 13.16
N LEU A 270 -0.91 4.09 13.95
CA LEU A 270 -2.18 3.45 13.64
C LEU A 270 -3.35 4.42 13.73
N GLN A 271 -3.27 5.40 14.63
CA GLN A 271 -4.36 6.38 14.74
C GLN A 271 -4.52 7.16 13.44
N VAL A 272 -3.42 7.69 12.91
CA VAL A 272 -3.51 8.34 11.59
C VAL A 272 -3.98 7.35 10.53
N ALA A 273 -3.42 6.15 10.52
CA ALA A 273 -3.67 5.22 9.41
C ALA A 273 -5.13 4.80 9.31
N THR A 274 -5.85 4.70 10.44
CA THR A 274 -7.18 4.13 10.45
C THR A 274 -8.28 5.15 10.63
N SER A 275 -7.95 6.44 10.70
CA SER A 275 -8.96 7.49 10.85
C SER A 275 -9.17 8.22 9.51
N PRO A 276 -10.40 8.33 9.01
CA PRO A 276 -10.60 9.03 7.72
C PRO A 276 -10.11 10.47 7.72
N ASP A 277 -10.32 11.22 8.80
CA ASP A 277 -9.76 12.57 8.89
C ASP A 277 -9.21 12.72 10.30
N PHE A 278 -7.90 12.56 10.44
CA PHE A 278 -7.28 12.53 11.75
C PHE A 278 -7.46 13.88 12.47
N ASP A 279 -7.97 13.83 13.68
CA ASP A 279 -8.03 15.02 14.52
C ASP A 279 -7.57 14.72 15.94
N GLY A 280 -6.69 13.73 16.10
CA GLY A 280 -6.08 13.46 17.38
C GLY A 280 -5.01 14.47 17.71
N LYS A 281 -4.28 14.20 18.79
CA LYS A 281 -3.26 15.15 19.22
C LYS A 281 -1.96 14.89 18.47
N LEU A 282 -1.12 15.93 18.42
CA LEU A 282 0.22 15.76 17.86
C LEU A 282 0.94 14.58 18.50
N LYS A 283 0.81 14.42 19.83
CA LYS A 283 1.45 13.30 20.52
C LYS A 283 0.94 11.95 20.02
N ASP A 284 -0.24 11.90 19.42
CA ASP A 284 -0.77 10.64 18.91
C ASP A 284 -0.22 10.29 17.50
N ILE A 285 0.65 11.12 16.94
CA ILE A 285 1.35 10.80 15.69
C ILE A 285 2.69 10.17 16.07
N ALA A 286 3.07 9.12 15.35
CA ALA A 286 4.31 8.37 15.63
C ALA A 286 5.50 9.31 15.74
N GLY A 287 6.33 9.07 16.77
CA GLY A 287 7.49 9.90 17.03
C GLY A 287 8.47 9.96 15.86
N GLU A 288 8.75 8.83 15.21
CA GLU A 288 9.73 8.88 14.14
C GLU A 288 9.20 9.63 12.93
N PHE A 289 7.90 9.48 12.64
CA PHE A 289 7.25 10.27 11.59
C PHE A 289 7.48 11.77 11.79
N LYS A 290 7.22 12.27 13.00
CA LYS A 290 7.41 13.69 13.27
C LYS A 290 8.87 14.07 13.14
N GLU A 291 9.78 13.23 13.63
CA GLU A 291 11.21 13.51 13.49
C GLU A 291 11.57 13.69 12.02
N GLN A 292 11.15 12.75 11.18
CA GLN A 292 11.50 12.80 9.75
C GLN A 292 10.81 13.95 9.03
N LEU A 293 9.62 14.33 9.48
CA LEU A 293 8.93 15.51 8.94
C LEU A 293 9.79 16.77 9.11
N GLN A 294 10.41 16.90 10.29
CA GLN A 294 11.30 18.03 10.55
C GLN A 294 12.50 18.04 9.61
N ALA A 295 12.86 16.90 9.03
CA ALA A 295 13.86 16.96 7.96
C ALA A 295 13.21 17.22 6.62
N LEU A 296 12.08 16.54 6.32
CA LEU A 296 11.50 16.58 4.98
C LEU A 296 10.97 17.97 4.64
N ILE A 297 10.18 18.56 5.52
CA ILE A 297 9.42 19.76 5.18
C ILE A 297 10.38 20.94 4.97
N PRO A 298 11.38 21.17 5.83
CA PRO A 298 12.37 22.20 5.50
C PRO A 298 13.22 21.86 4.29
N TYR A 299 13.50 20.59 4.04
CA TYR A 299 14.24 20.24 2.83
C TYR A 299 13.50 20.71 1.57
N VAL A 300 12.18 20.85 1.64
CA VAL A 300 11.40 21.29 0.48
C VAL A 300 11.14 22.78 0.51
N LEU A 301 10.94 23.35 1.71
CA LEU A 301 10.34 24.67 1.83
C LEU A 301 11.20 25.72 2.50
N ASN A 302 12.35 25.35 3.07
CA ASN A 302 13.23 26.35 3.66
C ASN A 302 13.61 27.39 2.59
N PRO A 303 13.75 28.68 2.95
CA PRO A 303 13.99 29.72 1.93
C PRO A 303 15.13 29.42 0.98
N SER A 304 16.22 28.81 1.45
CA SER A 304 17.34 28.51 0.58
C SER A 304 17.08 27.32 -0.35
N LYS A 305 15.93 26.64 -0.22
CA LYS A 305 15.63 25.48 -1.07
C LYS A 305 14.56 25.78 -2.10
N LEU A 306 13.96 26.96 -2.07
CA LEU A 306 12.85 27.27 -2.97
C LEU A 306 13.38 27.54 -4.37
N MET A 307 13.00 26.70 -5.33
CA MET A 307 13.45 26.81 -6.72
C MET A 307 12.36 27.47 -7.56
N GLU A 308 12.65 28.64 -8.12
CA GLU A 308 11.68 29.31 -8.97
C GLU A 308 11.31 28.43 -10.16
N LYS A 309 10.02 28.40 -10.50
CA LYS A 309 9.58 27.63 -11.66
C LYS A 309 10.27 28.13 -12.92
N GLU A 310 10.82 27.21 -13.73
CA GLU A 310 11.43 27.59 -15.00
C GLU A 310 10.84 26.80 -16.16
N ILE A 311 10.47 27.50 -17.22
CA ILE A 311 9.97 26.89 -18.45
C ILE A 311 10.71 27.51 -19.63
N ASN A 312 11.12 26.67 -20.58
CA ASN A 312 11.85 27.12 -21.77
CA ASN A 312 11.84 27.15 -21.78
C ASN A 312 13.00 28.05 -21.38
N GLY A 313 13.82 27.58 -20.44
CA GLY A 313 15.00 28.30 -20.00
C GLY A 313 14.79 29.59 -19.23
N SER A 314 13.57 29.91 -18.79
CA SER A 314 13.33 31.18 -18.12
C SER A 314 12.44 31.03 -16.90
N LYS A 315 12.69 31.87 -15.89
CA LYS A 315 11.88 31.87 -14.68
C LYS A 315 10.48 32.41 -14.97
N VAL A 316 9.48 31.76 -14.40
CA VAL A 316 8.09 32.07 -14.65
C VAL A 316 7.52 32.79 -13.44
N THR A 317 6.68 33.80 -13.70
CA THR A 317 5.93 34.51 -12.68
C THR A 317 4.56 33.87 -12.44
N CYS A 318 3.87 34.35 -11.40
CA CYS A 318 2.53 33.85 -11.10
C CYS A 318 1.60 34.06 -12.28
N ARG A 319 1.66 35.25 -12.89
CA ARG A 319 0.79 35.59 -14.01
C ARG A 319 1.15 34.75 -15.22
N GLY A 320 2.45 34.55 -15.46
CA GLY A 320 2.88 33.63 -16.50
C GLY A 320 2.45 32.21 -16.23
N LEU A 321 2.40 31.81 -14.96
CA LEU A 321 1.91 30.48 -14.62
C LEU A 321 0.44 30.32 -15.00
N LEU A 322 -0.37 31.36 -14.78
CA LEU A 322 -1.75 31.32 -15.24
C LEU A 322 -1.83 31.07 -16.73
N GLU A 323 -1.02 31.80 -17.50
CA GLU A 323 -1.09 31.68 -18.96
C GLU A 323 -0.64 30.30 -19.43
N TYR A 324 0.32 29.68 -18.74
CA TYR A 324 0.72 28.32 -19.09
C TYR A 324 -0.41 27.33 -18.84
N PHE A 325 -1.11 27.45 -17.70
CA PHE A 325 -2.24 26.59 -17.43
C PHE A 325 -3.31 26.73 -18.50
N LYS A 326 -3.64 27.97 -18.89
CA LYS A 326 -4.63 28.16 -19.94
C LYS A 326 -4.18 27.58 -21.26
N ALA A 327 -2.88 27.71 -21.56
CA ALA A 327 -2.35 27.21 -22.82
C ALA A 327 -2.21 25.69 -22.82
N TYR A 328 -1.58 25.16 -21.76
CA TYR A 328 -1.38 23.71 -21.67
C TYR A 328 -2.69 22.96 -21.73
N ILE A 329 -3.74 23.47 -21.08
CA ILE A 329 -5.01 22.76 -21.02
C ILE A 329 -5.65 22.64 -22.39
N LYS A 330 -5.49 23.65 -23.25
CA LYS A 330 -6.09 23.57 -24.57
C LYS A 330 -5.39 22.53 -25.43
N ILE A 331 -4.11 22.28 -25.19
CA ILE A 331 -3.38 21.27 -25.94
C ILE A 331 -3.99 19.90 -25.73
N TYR A 332 -4.24 19.53 -24.48
CA TYR A 332 -4.90 18.26 -24.23
C TYR A 332 -6.38 18.33 -24.56
N GLN A 333 -6.97 19.53 -24.58
CA GLN A 333 -8.32 19.77 -25.11
C GLN A 333 -9.39 18.87 -24.49
N SER B 22 16.60 -32.52 17.35
CA SER B 22 16.54 -31.69 18.54
C SER B 22 15.15 -31.05 18.73
N LYS B 23 15.04 -29.76 18.35
CA LYS B 23 13.84 -28.97 18.58
C LYS B 23 12.96 -28.93 17.33
N PRO B 24 11.66 -28.66 17.49
CA PRO B 24 10.80 -28.46 16.32
C PRO B 24 11.22 -27.25 15.50
N GLY B 25 10.92 -27.31 14.21
CA GLY B 25 11.20 -26.20 13.34
C GLY B 25 10.65 -26.45 11.95
N PRO B 26 10.79 -25.45 11.08
CA PRO B 26 10.29 -25.61 9.70
C PRO B 26 11.23 -26.48 8.89
N VAL B 27 10.65 -27.34 8.06
CA VAL B 27 11.42 -28.25 7.22
C VAL B 27 11.12 -27.93 5.76
N GLN B 28 12.18 -27.66 4.99
CA GLN B 28 12.07 -27.40 3.56
C GLN B 28 11.72 -28.70 2.85
N VAL B 29 10.51 -28.78 2.30
CA VAL B 29 10.07 -30.00 1.63
C VAL B 29 10.01 -29.87 0.11
N VAL B 30 9.72 -28.67 -0.42
CA VAL B 30 9.89 -28.40 -1.84
C VAL B 30 10.75 -27.15 -1.98
N LEU B 31 11.73 -27.21 -2.88
CA LEU B 31 12.76 -26.19 -3.02
C LEU B 31 12.89 -25.79 -4.48
N VAL B 32 12.92 -24.48 -4.73
CA VAL B 32 13.14 -23.94 -6.07
C VAL B 32 14.56 -23.39 -6.21
N HIS B 37 16.24 -23.39 -13.79
CA HIS B 37 15.17 -23.00 -12.87
C HIS B 37 14.13 -24.10 -12.71
N SER B 38 14.30 -24.95 -11.68
CA SER B 38 13.48 -26.14 -11.49
C SER B 38 13.15 -26.32 -10.01
N PHE B 39 12.37 -27.35 -9.71
CA PHE B 39 11.89 -27.63 -8.35
C PHE B 39 12.17 -29.07 -7.98
N GLU B 40 12.30 -29.31 -6.67
CA GLU B 40 12.62 -30.64 -6.16
C GLU B 40 11.90 -30.90 -4.85
N LEU B 41 11.42 -32.13 -4.69
CA LEU B 41 10.84 -32.62 -3.45
C LEU B 41 11.93 -33.27 -2.61
N ASP B 42 12.08 -32.82 -1.36
CA ASP B 42 12.93 -33.52 -0.41
C ASP B 42 12.11 -34.63 0.22
N GLU B 43 12.03 -35.75 -0.50
CA GLU B 43 11.12 -36.81 -0.12
C GLU B 43 11.47 -37.38 1.25
N LYS B 44 12.77 -37.51 1.55
CA LYS B 44 13.18 -38.08 2.83
C LYS B 44 12.80 -37.15 3.96
N ALA B 45 12.94 -35.84 3.75
CA ALA B 45 12.53 -34.87 4.75
C ALA B 45 11.02 -34.89 4.94
N LEU B 46 10.26 -34.89 3.84
CA LEU B 46 8.81 -34.94 3.95
C LEU B 46 8.36 -36.23 4.64
N ALA B 47 8.90 -37.37 4.19
CA ALA B 47 8.46 -38.68 4.69
C ALA B 47 8.83 -38.89 6.15
N SER B 48 9.94 -38.35 6.63
CA SER B 48 10.28 -38.53 8.04
C SER B 48 9.26 -37.83 8.94
N ILE B 49 8.65 -36.74 8.45
CA ILE B 49 7.60 -36.08 9.20
C ILE B 49 6.30 -36.88 9.12
N LEU B 50 5.85 -37.16 7.89
CA LEU B 50 4.52 -37.70 7.65
C LEU B 50 4.39 -39.20 7.89
N LEU B 51 5.49 -39.93 8.02
CA LEU B 51 5.40 -41.37 8.19
C LEU B 51 5.66 -41.81 9.63
N GLN B 52 5.76 -40.88 10.58
CA GLN B 52 5.95 -41.24 11.98
C GLN B 52 4.84 -42.18 12.43
N ASP B 53 5.19 -43.12 13.31
CA ASP B 53 4.29 -44.22 13.64
C ASP B 53 2.95 -43.73 14.19
N HIS B 54 2.96 -42.66 14.99
CA HIS B 54 1.74 -42.32 15.70
C HIS B 54 0.78 -41.45 14.89
N ILE B 55 1.21 -40.90 13.75
CA ILE B 55 0.31 -40.11 12.92
C ILE B 55 0.14 -40.69 11.52
N ARG B 56 0.91 -41.71 11.15
CA ARG B 56 0.99 -42.17 9.76
C ARG B 56 -0.39 -42.50 9.18
N ASP B 57 -1.25 -43.16 9.94
CA ASP B 57 -2.54 -43.61 9.46
C ASP B 57 -3.69 -42.74 9.95
N LEU B 58 -3.37 -41.59 10.55
CA LEU B 58 -4.41 -40.63 10.93
C LEU B 58 -4.79 -39.80 9.72
N ASP B 59 -6.07 -39.45 9.63
CA ASP B 59 -6.50 -38.45 8.65
C ASP B 59 -5.84 -37.11 8.95
N VAL B 60 -5.33 -36.46 7.91
CA VAL B 60 -4.53 -35.25 8.05
C VAL B 60 -5.39 -34.03 7.74
N VAL B 61 -5.18 -32.98 8.52
CA VAL B 61 -5.74 -31.65 8.29
C VAL B 61 -4.58 -30.76 7.94
N VAL B 62 -4.61 -30.13 6.77
CA VAL B 62 -3.48 -29.34 6.29
C VAL B 62 -3.88 -27.87 6.26
N VAL B 63 -3.21 -27.06 7.06
CA VAL B 63 -3.42 -25.62 7.07
C VAL B 63 -2.25 -24.96 6.36
N SER B 64 -2.53 -24.25 5.27
CA SER B 64 -1.51 -23.72 4.39
C SER B 64 -1.63 -22.21 4.34
N VAL B 65 -0.50 -21.52 4.55
CA VAL B 65 -0.40 -20.06 4.43
C VAL B 65 0.50 -19.81 3.23
N ALA B 66 0.05 -18.98 2.29
CA ALA B 66 0.76 -18.85 1.02
C ALA B 66 0.75 -17.41 0.53
N GLY B 67 1.88 -16.98 -0.02
CA GLY B 67 1.94 -15.68 -0.65
C GLY B 67 3.38 -15.23 -0.86
N ALA B 68 3.52 -13.94 -1.17
CA ALA B 68 4.81 -13.40 -1.55
C ALA B 68 5.67 -13.21 -0.32
N PHE B 69 6.98 -13.08 -0.57
CA PHE B 69 7.96 -12.87 0.49
C PHE B 69 7.63 -11.64 1.33
N ARG B 70 7.99 -11.72 2.60
CA ARG B 70 7.96 -10.56 3.50
C ARG B 70 6.57 -9.94 3.64
N LYS B 71 5.54 -10.76 3.73
CA LYS B 71 4.20 -10.26 3.99
C LYS B 71 3.66 -10.69 5.36
N GLY B 72 4.52 -11.22 6.22
CA GLY B 72 4.11 -11.62 7.56
C GLY B 72 3.56 -13.02 7.67
N LYS B 73 3.89 -13.92 6.75
CA LYS B 73 3.39 -15.30 6.82
C LYS B 73 3.92 -16.03 8.04
N SER B 74 5.22 -15.90 8.32
CA SER B 74 5.76 -16.66 9.45
C SER B 74 5.24 -16.10 10.78
N PHE B 75 5.02 -14.79 10.88
CA PHE B 75 4.42 -14.21 12.08
C PHE B 75 3.07 -14.85 12.39
N ILE B 76 2.20 -14.95 11.38
CA ILE B 76 0.89 -15.55 11.62
C ILE B 76 1.01 -17.05 11.91
N LEU B 77 1.96 -17.73 11.24
CA LEU B 77 2.18 -19.14 11.57
C LEU B 77 2.67 -19.31 13.01
N ASP B 78 3.42 -18.33 13.52
CA ASP B 78 3.90 -18.41 14.90
C ASP B 78 2.74 -18.44 15.88
N PHE B 79 1.67 -17.68 15.61
CA PHE B 79 0.52 -17.67 16.50
C PHE B 79 -0.31 -18.94 16.36
N MET B 80 -0.38 -19.50 15.13
CA MET B 80 -0.98 -20.81 14.95
C MET B 80 -0.27 -21.87 15.80
N LEU B 81 1.06 -21.88 15.76
CA LEU B 81 1.83 -22.77 16.64
C LEU B 81 1.51 -22.54 18.11
N ARG B 82 1.48 -21.28 18.55
CA ARG B 82 1.19 -21.03 19.97
C ARG B 82 -0.18 -21.58 20.34
N TYR B 83 -1.17 -21.46 19.44
CA TYR B 83 -2.47 -22.07 19.69
C TYR B 83 -2.34 -23.59 19.75
N LEU B 84 -1.60 -24.19 18.82
CA LEU B 84 -1.51 -25.64 18.76
C LEU B 84 -0.76 -26.19 19.96
N TYR B 85 0.33 -25.53 20.37
CA TYR B 85 1.12 -26.01 21.50
C TYR B 85 0.39 -25.79 22.81
N SER B 86 -0.44 -24.74 22.91
CA SER B 86 -1.20 -24.57 24.15
C SER B 86 -2.29 -25.63 24.26
N GLN B 87 -2.94 -25.94 23.15
CA GLN B 87 -3.92 -27.02 23.13
C GLN B 87 -3.28 -28.36 23.43
N LYS B 88 -2.09 -28.61 22.85
CA LYS B 88 -1.37 -29.84 23.13
C LYS B 88 -1.04 -29.94 24.62
N GLU B 89 -0.43 -28.90 25.18
CA GLU B 89 -0.04 -28.87 26.57
C GLU B 89 -1.20 -28.57 27.51
N SER B 90 -2.43 -28.71 27.04
CA SER B 90 -3.63 -28.32 27.78
C SER B 90 -3.55 -26.84 28.20
N ASN B 94 -5.43 -18.61 28.50
CA ASN B 94 -5.39 -17.85 27.26
C ASN B 94 -4.16 -18.23 26.45
N TRP B 95 -4.40 -18.88 25.31
CA TRP B 95 -3.31 -19.33 24.47
C TRP B 95 -2.45 -18.20 23.95
N LEU B 96 -2.95 -16.96 23.96
CA LEU B 96 -2.17 -15.87 23.38
C LEU B 96 -1.00 -15.49 24.29
N GLY B 97 -1.21 -15.51 25.59
CA GLY B 97 -0.16 -15.26 26.56
C GLY B 97 -0.47 -14.09 27.47
N ASP B 98 0.42 -13.90 28.45
CA ASP B 98 0.35 -12.69 29.29
C ASP B 98 0.99 -11.53 28.55
N PRO B 99 0.46 -10.32 28.67
CA PRO B 99 1.05 -9.17 27.97
C PRO B 99 2.54 -8.98 28.23
N GLU B 100 3.02 -9.30 29.43
CA GLU B 100 4.41 -9.08 29.81
C GLU B 100 5.34 -10.16 29.28
N GLU B 101 4.81 -11.25 28.75
CA GLU B 101 5.66 -12.35 28.32
C GLU B 101 6.17 -12.10 26.90
N PRO B 102 7.49 -12.18 26.67
CA PRO B 102 7.98 -12.24 25.29
C PRO B 102 7.36 -13.42 24.57
N LEU B 103 7.39 -13.40 23.24
CA LEU B 103 6.64 -14.40 22.51
C LEU B 103 7.24 -15.79 22.67
N THR B 104 8.49 -15.88 23.13
CA THR B 104 9.11 -17.07 23.73
C THR B 104 8.52 -18.40 23.28
N GLY B 105 8.76 -18.76 22.03
CA GLY B 105 8.27 -20.03 21.53
C GLY B 105 9.08 -20.49 20.33
N PHE B 106 8.81 -21.72 19.91
CA PHE B 106 9.32 -22.17 18.62
C PHE B 106 8.78 -21.24 17.53
N SER B 107 9.69 -20.68 16.74
CA SER B 107 9.32 -19.70 15.74
C SER B 107 9.66 -20.19 14.34
N TRP B 108 8.81 -19.79 13.38
CA TRP B 108 8.98 -20.22 11.99
C TRP B 108 10.17 -19.55 11.31
N ARG B 109 10.59 -18.37 11.76
CA ARG B 109 11.75 -17.74 11.15
C ARG B 109 12.93 -17.58 12.08
N ASP B 113 19.31 -17.28 3.49
CA ASP B 113 18.29 -16.25 3.52
C ASP B 113 16.89 -16.84 3.63
N PRO B 114 15.99 -16.16 4.34
CA PRO B 114 14.58 -16.54 4.33
C PRO B 114 13.92 -16.33 2.98
N GLU B 115 14.67 -15.84 1.99
CA GLU B 115 14.17 -15.63 0.64
C GLU B 115 14.33 -16.91 -0.19
N THR B 116 13.79 -17.99 0.35
CA THR B 116 13.77 -19.27 -0.34
C THR B 116 12.40 -19.49 -0.97
N THR B 117 12.37 -19.73 -2.27
CA THR B 117 11.12 -20.07 -2.95
C THR B 117 10.86 -21.57 -2.81
N GLY B 118 9.70 -21.92 -2.28
CA GLY B 118 9.42 -23.32 -2.02
C GLY B 118 8.37 -23.48 -0.93
N ILE B 119 8.32 -24.70 -0.39
CA ILE B 119 7.30 -25.09 0.59
C ILE B 119 8.00 -25.63 1.84
N GLN B 120 7.59 -25.14 3.00
CA GLN B 120 8.07 -25.65 4.27
C GLN B 120 6.88 -26.15 5.08
N ILE B 121 7.14 -27.18 5.86
CA ILE B 121 6.15 -27.77 6.74
C ILE B 121 6.77 -27.86 8.13
N TRP B 122 5.95 -27.64 9.16
CA TRP B 122 6.42 -27.72 10.54
C TRP B 122 6.76 -29.17 10.90
N SER B 123 7.90 -29.37 11.54
CA SER B 123 8.38 -30.73 11.79
C SER B 123 7.49 -31.49 12.77
N GLU B 124 6.74 -30.81 13.64
CA GLU B 124 5.84 -31.47 14.57
C GLU B 124 4.41 -31.51 14.01
N VAL B 125 3.90 -32.72 13.79
CA VAL B 125 2.51 -32.96 13.47
C VAL B 125 1.74 -33.07 14.77
N PHE B 126 0.67 -32.29 14.90
CA PHE B 126 -0.14 -32.29 16.12
C PHE B 126 -1.28 -33.27 15.98
N THR B 127 -1.54 -34.02 17.04
CA THR B 127 -2.72 -34.88 17.12
C THR B 127 -3.78 -34.15 17.93
N VAL B 128 -4.94 -33.93 17.32
CA VAL B 128 -6.02 -33.19 17.93
C VAL B 128 -7.28 -34.06 17.90
N GLU B 129 -7.99 -34.11 19.00
CA GLU B 129 -9.23 -34.87 19.09
C GLU B 129 -10.39 -33.94 18.74
N LYS B 130 -11.15 -34.32 17.72
CA LYS B 130 -12.36 -33.61 17.34
C LYS B 130 -13.49 -33.95 18.31
N PRO B 131 -14.52 -33.12 18.39
CA PRO B 131 -15.71 -33.50 19.18
C PRO B 131 -16.26 -34.82 18.65
N GLY B 132 -16.53 -35.73 19.56
CA GLY B 132 -16.96 -37.05 19.18
C GLY B 132 -15.89 -38.11 19.27
N GLY B 133 -14.62 -37.71 19.36
CA GLY B 133 -13.55 -38.64 19.66
C GLY B 133 -12.58 -38.92 18.54
N LYS B 134 -12.89 -38.54 17.29
CA LYS B 134 -11.96 -38.85 16.21
C LYS B 134 -10.70 -38.02 16.33
N LYS B 135 -9.55 -38.69 16.31
CA LYS B 135 -8.25 -38.03 16.39
C LYS B 135 -7.71 -37.83 14.98
N VAL B 136 -7.24 -36.62 14.70
CA VAL B 136 -6.71 -36.27 13.40
C VAL B 136 -5.36 -35.60 13.58
N ALA B 137 -4.58 -35.60 12.51
CA ALA B 137 -3.24 -35.03 12.47
C ALA B 137 -3.33 -33.65 11.86
N VAL B 138 -2.61 -32.68 12.42
CA VAL B 138 -2.65 -31.32 11.91
C VAL B 138 -1.24 -30.92 11.43
N VAL B 139 -1.14 -30.59 10.13
CA VAL B 139 0.10 -30.16 9.48
C VAL B 139 0.00 -28.67 9.17
N LEU B 140 1.07 -27.92 9.47
CA LEU B 140 1.18 -26.51 9.11
C LEU B 140 2.14 -26.36 7.94
N MET B 141 1.72 -25.63 6.91
CA MET B 141 2.46 -25.53 5.65
C MET B 141 2.68 -24.06 5.29
N ASP B 142 3.88 -23.73 4.80
CA ASP B 142 4.23 -22.36 4.41
C ASP B 142 4.73 -22.36 2.97
N THR B 143 4.06 -21.60 2.10
CA THR B 143 4.44 -21.51 0.70
C THR B 143 4.87 -20.09 0.38
N GLN B 144 6.07 -19.95 -0.15
CA GLN B 144 6.67 -18.64 -0.39
C GLN B 144 7.24 -18.59 -1.80
N GLY B 145 6.90 -17.52 -2.53
CA GLY B 145 7.54 -17.26 -3.81
C GLY B 145 7.01 -15.95 -4.37
N ALA B 146 7.73 -15.47 -5.39
CA ALA B 146 7.40 -14.22 -6.07
C ALA B 146 6.52 -14.45 -7.29
N LYS B 154 6.48 -18.14 -14.86
CA LYS B 154 6.68 -18.16 -13.41
C LYS B 154 6.82 -19.59 -12.88
N ASP B 155 8.00 -19.91 -12.34
CA ASP B 155 8.22 -21.22 -11.75
C ASP B 155 7.47 -21.40 -10.44
N CYS B 156 7.03 -20.31 -9.80
CA CYS B 156 6.34 -20.45 -8.53
C CYS B 156 4.92 -20.99 -8.70
N ALA B 157 4.40 -21.00 -9.93
CA ALA B 157 3.07 -21.53 -10.17
C ALA B 157 2.96 -22.97 -9.66
N THR B 158 4.00 -23.76 -9.88
CA THR B 158 3.99 -25.15 -9.41
C THR B 158 3.82 -25.23 -7.89
N ILE B 159 4.57 -24.42 -7.13
CA ILE B 159 4.52 -24.64 -5.68
C ILE B 159 3.22 -24.10 -5.10
N PHE B 160 2.72 -22.97 -5.61
CA PHE B 160 1.41 -22.50 -5.17
C PHE B 160 0.31 -23.49 -5.56
N ALA B 161 0.46 -24.13 -6.73
CA ALA B 161 -0.50 -25.16 -7.09
C ALA B 161 -0.42 -26.32 -6.11
N LEU B 162 0.80 -26.77 -5.81
CA LEU B 162 0.98 -27.92 -4.94
C LEU B 162 0.37 -27.70 -3.55
N SER B 163 0.61 -26.52 -2.94
CA SER B 163 0.02 -26.30 -1.62
C SER B 163 -1.48 -26.16 -1.69
N THR B 164 -2.00 -25.67 -2.81
CA THR B 164 -3.45 -25.60 -2.98
C THR B 164 -4.04 -27.00 -3.07
N MET B 165 -3.39 -27.88 -3.87
CA MET B 165 -3.88 -29.23 -4.08
C MET B 165 -3.80 -30.08 -2.82
N THR B 166 -2.92 -29.73 -1.88
CA THR B 166 -2.68 -30.59 -0.73
C THR B 166 -3.20 -30.01 0.59
N SER B 167 -3.97 -28.91 0.56
CA SER B 167 -4.36 -28.20 1.77
C SER B 167 -5.85 -28.31 2.05
N SER B 168 -6.20 -28.41 3.33
CA SER B 168 -7.60 -28.29 3.72
C SER B 168 -8.07 -26.84 3.61
N VAL B 169 -7.21 -25.90 4.00
CA VAL B 169 -7.49 -24.47 3.86
C VAL B 169 -6.22 -23.83 3.29
N GLN B 170 -6.40 -23.10 2.18
CA GLN B 170 -5.34 -22.30 1.60
C GLN B 170 -5.55 -20.86 2.03
N ILE B 171 -4.65 -20.36 2.86
CA ILE B 171 -4.74 -19.00 3.37
C ILE B 171 -3.85 -18.14 2.48
N TYR B 172 -4.47 -17.41 1.56
CA TYR B 172 -3.78 -16.57 0.61
C TYR B 172 -3.49 -15.22 1.29
N ASN B 173 -2.24 -14.98 1.61
CA ASN B 173 -1.85 -13.91 2.52
C ASN B 173 -1.43 -12.69 1.69
N LEU B 174 -2.27 -11.64 1.72
CA LEU B 174 -2.06 -10.44 0.91
C LEU B 174 -1.88 -9.22 1.80
N SER B 175 -1.21 -8.20 1.29
CA SER B 175 -0.98 -6.96 2.02
C SER B 175 -2.00 -5.89 1.61
N GLN B 176 -2.78 -5.41 2.59
CA GLN B 176 -3.56 -4.17 2.54
C GLN B 176 -4.83 -4.23 1.69
N ASN B 177 -4.77 -4.92 0.56
CA ASN B 177 -5.92 -4.99 -0.33
C ASN B 177 -5.71 -6.14 -1.30
N ILE B 178 -6.72 -6.39 -2.13
CA ILE B 178 -6.67 -7.41 -3.15
C ILE B 178 -6.50 -6.70 -4.49
N GLN B 179 -5.37 -6.94 -5.15
CA GLN B 179 -5.08 -6.28 -6.41
C GLN B 179 -5.34 -7.19 -7.60
N GLU B 180 -5.35 -6.57 -8.78
CA GLU B 180 -5.52 -7.31 -10.02
C GLU B 180 -4.47 -8.41 -10.16
N ASP B 181 -3.22 -8.11 -9.81
CA ASP B 181 -2.15 -9.10 -9.95
C ASP B 181 -2.34 -10.25 -8.97
N ASP B 182 -2.82 -9.96 -7.75
CA ASP B 182 -3.13 -11.03 -6.81
C ASP B 182 -4.11 -12.00 -7.42
N LEU B 183 -5.13 -11.47 -8.08
CA LEU B 183 -6.18 -12.31 -8.64
C LEU B 183 -5.70 -13.02 -9.91
N GLN B 184 -4.92 -12.33 -10.75
CA GLN B 184 -4.38 -13.01 -11.92
C GLN B 184 -3.54 -14.21 -11.49
N GLN B 185 -2.66 -14.02 -10.51
CA GLN B 185 -1.82 -15.11 -10.02
C GLN B 185 -2.66 -16.24 -9.43
N LEU B 186 -3.61 -15.89 -8.57
CA LEU B 186 -4.49 -16.89 -7.96
C LEU B 186 -5.18 -17.73 -9.02
N GLN B 187 -5.78 -17.07 -10.00
CA GLN B 187 -6.42 -17.76 -11.11
C GLN B 187 -5.44 -18.72 -11.79
N LEU B 188 -4.20 -18.27 -12.00
CA LEU B 188 -3.24 -19.11 -12.71
C LEU B 188 -2.88 -20.36 -11.89
N PHE B 189 -2.54 -20.20 -10.61
CA PHE B 189 -2.04 -21.40 -9.96
C PHE B 189 -3.16 -22.35 -9.54
N THR B 190 -4.39 -21.86 -9.38
CA THR B 190 -5.51 -22.76 -9.12
C THR B 190 -5.87 -23.54 -10.37
N GLU B 191 -5.85 -22.89 -11.55
CA GLU B 191 -6.07 -23.63 -12.79
C GLU B 191 -4.97 -24.64 -13.02
N TYR B 192 -3.73 -24.26 -12.74
CA TYR B 192 -2.57 -25.14 -12.92
C TYR B 192 -2.68 -26.36 -12.00
N GLY B 193 -3.13 -26.16 -10.75
CA GLY B 193 -3.35 -27.29 -9.87
C GLY B 193 -4.49 -28.17 -10.33
N ARG B 194 -5.61 -27.56 -10.71
CA ARG B 194 -6.74 -28.32 -11.23
C ARG B 194 -6.33 -29.20 -12.42
N LEU B 195 -5.40 -28.72 -13.25
CA LEU B 195 -4.98 -29.46 -14.45
C LEU B 195 -4.15 -30.69 -14.14
N ALA B 196 -3.51 -30.76 -12.97
CA ALA B 196 -2.74 -31.92 -12.59
C ALA B 196 -3.57 -33.01 -11.93
N MET B 197 -4.88 -32.78 -11.78
CA MET B 197 -5.84 -33.71 -11.18
C MET B 197 -6.75 -34.21 -12.29
N ASP B 198 -6.62 -35.47 -12.66
CA ASP B 198 -7.12 -35.91 -13.96
C ASP B 198 -8.64 -35.77 -14.05
N GLU B 199 -9.36 -36.16 -13.01
CA GLU B 199 -10.81 -36.06 -13.05
C GLU B 199 -11.31 -35.71 -11.65
N ILE B 200 -12.40 -34.94 -11.63
CA ILE B 200 -12.87 -34.26 -10.44
C ILE B 200 -14.37 -34.51 -10.39
N PHE B 201 -14.80 -35.47 -9.57
CA PHE B 201 -16.23 -35.70 -9.38
C PHE B 201 -16.87 -34.64 -8.48
N GLN B 202 -16.07 -33.79 -7.84
CA GLN B 202 -16.57 -32.71 -7.00
C GLN B 202 -15.84 -31.40 -7.32
N LYS B 203 -15.57 -30.59 -6.30
CA LYS B 203 -14.66 -29.50 -6.66
C LYS B 203 -13.23 -29.92 -6.37
N PRO B 204 -12.25 -29.40 -7.12
CA PRO B 204 -10.85 -29.85 -6.89
C PRO B 204 -10.31 -29.49 -5.51
N PHE B 205 -10.63 -28.30 -5.00
CA PHE B 205 -10.02 -27.83 -3.76
C PHE B 205 -11.09 -27.64 -2.69
N GLN B 206 -10.63 -27.37 -1.48
CA GLN B 206 -11.55 -27.23 -0.35
C GLN B 206 -11.77 -25.74 -0.05
N THR B 207 -11.11 -25.20 0.96
CA THR B 207 -11.38 -23.85 1.40
C THR B 207 -10.27 -22.89 0.96
N LEU B 208 -10.67 -21.72 0.44
CA LEU B 208 -9.77 -20.61 0.19
C LEU B 208 -10.10 -19.49 1.17
N MET B 209 -9.08 -18.98 1.87
CA MET B 209 -9.26 -17.77 2.68
C MET B 209 -8.35 -16.65 2.18
N PHE B 210 -8.94 -15.52 1.79
CA PHE B 210 -8.17 -14.31 1.55
C PHE B 210 -7.86 -13.70 2.91
N LEU B 211 -6.60 -13.74 3.32
CA LEU B 211 -6.17 -13.08 4.55
C LEU B 211 -5.55 -11.74 4.18
N VAL B 212 -6.24 -10.65 4.47
CA VAL B 212 -5.82 -9.30 4.12
C VAL B 212 -5.14 -8.67 5.35
N ARG B 213 -3.84 -8.42 5.22
CA ARG B 213 -2.99 -7.90 6.28
C ARG B 213 -3.00 -6.37 6.30
N ASP B 214 -2.84 -5.79 7.51
CA ASP B 214 -2.78 -4.33 7.65
C ASP B 214 -4.01 -3.66 7.06
N TRP B 215 -5.17 -4.29 7.21
CA TRP B 215 -6.41 -3.64 6.80
C TRP B 215 -6.55 -2.31 7.51
N SER B 216 -6.78 -1.26 6.76
CA SER B 216 -6.71 0.09 7.31
C SER B 216 -8.04 0.83 7.31
N PHE B 217 -9.14 0.19 6.86
CA PHE B 217 -10.40 0.92 6.69
C PHE B 217 -11.55 0.26 7.45
N PRO B 218 -11.38 0.04 8.77
CA PRO B 218 -12.47 -0.62 9.53
C PRO B 218 -13.76 0.19 9.54
N TYR B 219 -13.72 1.48 9.22
CA TYR B 219 -14.93 2.27 9.05
C TYR B 219 -15.63 2.01 7.73
N GLU B 220 -15.03 1.25 6.81
CA GLU B 220 -15.72 0.77 5.61
C GLU B 220 -16.08 -0.70 5.71
N TYR B 221 -15.13 -1.54 6.11
CA TYR B 221 -15.42 -2.94 6.38
C TYR B 221 -14.72 -3.33 7.66
N SER B 222 -15.50 -3.85 8.61
CA SER B 222 -14.99 -4.23 9.92
C SER B 222 -13.93 -5.32 9.82
N TYR B 223 -12.99 -5.30 10.76
CA TYR B 223 -12.01 -6.37 10.86
C TYR B 223 -12.72 -7.71 11.02
N GLY B 224 -12.07 -8.78 10.60
CA GLY B 224 -12.62 -10.11 10.77
C GLY B 224 -13.37 -10.62 9.55
N LEU B 225 -14.20 -11.65 9.81
CA LEU B 225 -14.79 -12.48 8.77
C LEU B 225 -15.93 -11.80 8.01
N GLN B 226 -16.85 -11.16 8.73
CA GLN B 226 -18.04 -10.61 8.06
C GLN B 226 -17.71 -9.36 7.27
N GLY B 227 -16.93 -8.44 7.87
CA GLY B 227 -16.34 -7.38 7.08
C GLY B 227 -15.57 -7.93 5.90
N GLY B 228 -14.79 -8.99 6.14
CA GLY B 228 -13.98 -9.55 5.06
C GLY B 228 -14.84 -10.11 3.93
N MET B 229 -15.96 -10.75 4.27
CA MET B 229 -16.87 -11.30 3.27
C MET B 229 -17.50 -10.18 2.42
N ALA B 230 -18.03 -9.15 3.09
CA ALA B 230 -18.62 -8.03 2.35
C ALA B 230 -17.58 -7.35 1.47
N PHE B 231 -16.35 -7.25 1.94
CA PHE B 231 -15.30 -6.59 1.17
C PHE B 231 -14.91 -7.43 -0.05
N LEU B 232 -14.71 -8.73 0.17
CA LEU B 232 -14.23 -9.60 -0.91
C LEU B 232 -15.17 -9.56 -2.11
N ASP B 233 -16.47 -9.73 -1.88
CA ASP B 233 -17.35 -9.84 -3.04
C ASP B 233 -17.45 -8.52 -3.80
N LYS B 234 -17.50 -7.38 -3.08
CA LYS B 234 -17.48 -6.10 -3.77
C LYS B 234 -16.16 -5.89 -4.52
N ARG B 235 -15.04 -6.21 -3.87
CA ARG B 235 -13.73 -5.99 -4.47
C ARG B 235 -13.54 -6.86 -5.71
N LEU B 236 -13.97 -8.12 -5.66
CA LEU B 236 -13.89 -8.97 -6.84
C LEU B 236 -14.74 -8.44 -7.98
N GLN B 237 -15.97 -8.01 -7.67
CA GLN B 237 -16.84 -7.42 -8.68
C GLN B 237 -16.18 -6.22 -9.34
N VAL B 238 -15.56 -5.34 -8.54
CA VAL B 238 -14.91 -4.15 -9.10
C VAL B 238 -13.73 -4.54 -9.99
N LYS B 239 -12.87 -5.43 -9.47
CA LYS B 239 -11.69 -5.85 -10.22
C LYS B 239 -12.07 -6.54 -11.53
N GLU B 240 -13.00 -7.49 -11.47
CA GLU B 240 -13.48 -8.16 -12.68
C GLU B 240 -13.90 -7.17 -13.75
N HIS B 241 -14.58 -6.08 -13.35
CA HIS B 241 -15.10 -5.13 -14.34
C HIS B 241 -14.01 -4.21 -14.88
N GLN B 242 -12.91 -4.05 -14.14
CA GLN B 242 -11.81 -3.21 -14.57
C GLN B 242 -10.78 -3.93 -15.45
N HIS B 243 -10.75 -5.26 -15.42
CA HIS B 243 -9.62 -6.04 -15.96
C HIS B 243 -10.16 -7.30 -16.62
N GLU B 244 -10.19 -7.30 -17.96
CA GLU B 244 -10.73 -8.41 -18.73
C GLU B 244 -9.95 -9.70 -18.50
N GLU B 245 -8.68 -9.60 -18.09
CA GLU B 245 -7.86 -10.77 -17.81
C GLU B 245 -8.42 -11.60 -16.66
N ILE B 246 -9.20 -10.99 -15.76
CA ILE B 246 -9.77 -11.71 -14.63
C ILE B 246 -11.28 -11.49 -14.57
N GLN B 247 -11.92 -11.31 -15.72
CA GLN B 247 -13.35 -10.98 -15.70
C GLN B 247 -14.23 -12.11 -15.18
N ASN B 248 -13.73 -13.35 -15.13
CA ASN B 248 -14.50 -14.47 -14.61
C ASN B 248 -13.86 -15.07 -13.36
N VAL B 249 -13.03 -14.29 -12.66
CA VAL B 249 -12.27 -14.87 -11.56
C VAL B 249 -13.19 -15.33 -10.44
N ARG B 250 -14.34 -14.67 -10.26
CA ARG B 250 -15.25 -15.10 -9.21
C ARG B 250 -15.80 -16.49 -9.51
N ASN B 251 -16.32 -16.66 -10.73
CA ASN B 251 -16.79 -17.97 -11.14
C ASN B 251 -15.69 -19.00 -11.09
N HIS B 252 -14.50 -18.63 -11.57
CA HIS B 252 -13.38 -19.57 -11.56
C HIS B 252 -13.05 -19.99 -10.13
N ILE B 253 -12.87 -19.01 -9.24
CA ILE B 253 -12.58 -19.33 -7.84
C ILE B 253 -13.66 -20.25 -7.27
N HIS B 254 -14.92 -19.90 -7.50
CA HIS B 254 -16.00 -20.70 -6.93
C HIS B 254 -16.09 -22.07 -7.58
N SER B 255 -15.70 -22.19 -8.85
CA SER B 255 -15.62 -23.52 -9.44
C SER B 255 -14.52 -24.37 -8.82
N CYS B 256 -13.46 -23.75 -8.29
CA CYS B 256 -12.30 -24.44 -7.76
C CYS B 256 -12.44 -24.83 -6.29
N PHE B 257 -13.11 -24.01 -5.48
CA PHE B 257 -13.12 -24.18 -4.03
C PHE B 257 -14.54 -24.42 -3.52
N SER B 258 -14.66 -25.37 -2.59
CA SER B 258 -15.98 -25.55 -1.97
C SER B 258 -16.31 -24.44 -0.99
N ASP B 259 -15.32 -23.69 -0.49
CA ASP B 259 -15.62 -22.53 0.35
C ASP B 259 -14.58 -21.43 0.14
N VAL B 260 -15.04 -20.19 0.11
CA VAL B 260 -14.19 -19.02 -0.09
C VAL B 260 -14.54 -17.98 0.97
N THR B 261 -13.57 -17.65 1.82
CA THR B 261 -13.82 -16.62 2.83
C THR B 261 -12.71 -15.57 2.79
N CYS B 262 -12.86 -14.57 3.65
CA CYS B 262 -11.94 -13.45 3.69
C CYS B 262 -11.97 -12.87 5.09
N PHE B 263 -10.79 -12.65 5.67
CA PHE B 263 -10.60 -12.12 7.01
C PHE B 263 -9.74 -10.86 6.90
N LEU B 264 -10.27 -9.74 7.40
CA LEU B 264 -9.54 -8.46 7.41
C LEU B 264 -8.78 -8.34 8.73
N LEU B 265 -7.43 -8.36 8.66
CA LEU B 265 -6.60 -8.33 9.86
C LEU B 265 -5.98 -6.96 10.06
N PRO B 266 -5.98 -6.41 11.29
CA PRO B 266 -5.38 -5.10 11.54
C PRO B 266 -3.87 -5.13 11.42
N HIS B 267 -3.30 -3.94 11.31
CA HIS B 267 -1.86 -3.75 11.41
C HIS B 267 -1.36 -4.17 12.80
N PRO B 268 -0.20 -4.83 12.90
CA PRO B 268 0.32 -5.27 14.20
C PRO B 268 1.09 -4.22 15.01
N GLY B 269 1.21 -2.97 14.54
CA GLY B 269 1.99 -1.97 15.26
C GLY B 269 3.38 -1.80 14.67
N LEU B 270 3.94 -0.61 14.90
CA LEU B 270 5.19 -0.21 14.23
C LEU B 270 6.39 -1.05 14.68
N GLN B 271 6.39 -1.56 15.91
CA GLN B 271 7.53 -2.36 16.35
C GLN B 271 7.60 -3.69 15.59
N VAL B 272 6.47 -4.37 15.40
CA VAL B 272 6.46 -5.57 14.57
C VAL B 272 6.82 -5.22 13.12
N ALA B 273 6.25 -4.13 12.59
CA ALA B 273 6.40 -3.83 11.17
C ALA B 273 7.84 -3.48 10.81
N THR B 274 8.60 -2.89 11.73
CA THR B 274 9.92 -2.38 11.39
C THR B 274 11.05 -3.24 11.93
N SER B 275 10.75 -4.40 12.53
CA SER B 275 11.80 -5.26 13.04
C SER B 275 12.00 -6.44 12.11
N PRO B 276 13.22 -6.71 11.68
CA PRO B 276 13.46 -7.94 10.90
C PRO B 276 12.95 -9.19 11.61
N ASP B 277 13.23 -9.31 12.90
CA ASP B 277 12.82 -10.47 13.69
C ASP B 277 12.29 -9.95 15.02
N PHE B 278 10.99 -9.68 15.07
CA PHE B 278 10.36 -9.19 16.28
C PHE B 278 10.65 -10.13 17.45
N ASP B 279 11.21 -9.60 18.52
CA ASP B 279 11.44 -10.41 19.72
C ASP B 279 10.85 -9.75 20.94
N GLY B 280 10.00 -8.74 20.75
CA GLY B 280 9.42 -8.04 21.86
C GLY B 280 8.37 -8.87 22.54
N LYS B 281 7.64 -8.21 23.42
CA LYS B 281 6.63 -8.87 24.23
C LYS B 281 5.23 -8.68 23.64
N LEU B 282 4.30 -9.48 24.15
CA LEU B 282 2.92 -9.45 23.68
C LEU B 282 2.34 -8.05 23.73
N LYS B 283 2.69 -7.29 24.77
CA LYS B 283 2.16 -5.95 24.95
C LYS B 283 2.68 -4.98 23.89
N ASP B 284 3.82 -5.28 23.26
CA ASP B 284 4.33 -4.41 22.21
C ASP B 284 3.67 -4.66 20.86
N ILE B 285 2.68 -5.55 20.79
CA ILE B 285 1.89 -5.77 19.59
C ILE B 285 0.56 -5.04 19.74
N ALA B 286 0.11 -4.39 18.67
CA ALA B 286 -1.07 -3.54 18.72
C ALA B 286 -2.29 -4.26 19.28
N GLY B 287 -3.10 -3.53 20.04
CA GLY B 287 -4.22 -4.14 20.74
C GLY B 287 -5.21 -4.82 19.80
N GLU B 288 -5.60 -4.14 18.72
CA GLU B 288 -6.64 -4.70 17.87
C GLU B 288 -6.14 -5.90 17.08
N PHE B 289 -4.87 -5.88 16.69
CA PHE B 289 -4.29 -7.06 16.07
C PHE B 289 -4.45 -8.28 16.98
N LYS B 290 -4.11 -8.13 18.26
CA LYS B 290 -4.23 -9.24 19.18
C LYS B 290 -5.69 -9.67 19.33
N GLU B 291 -6.59 -8.70 19.43
CA GLU B 291 -8.01 -9.02 19.51
C GLU B 291 -8.44 -9.83 18.28
N GLN B 292 -8.03 -9.41 17.08
CA GLN B 292 -8.47 -10.12 15.89
C GLN B 292 -7.79 -11.48 15.73
N LEU B 293 -6.57 -11.60 16.25
CA LEU B 293 -5.93 -12.90 16.37
C LEU B 293 -6.79 -13.86 17.19
N GLN B 294 -7.39 -13.38 18.27
CA GLN B 294 -8.21 -14.26 19.09
C GLN B 294 -9.48 -14.70 18.36
N ALA B 295 -9.89 -13.98 17.31
CA ALA B 295 -10.96 -14.46 16.43
C ALA B 295 -10.42 -15.39 15.35
N LEU B 296 -9.38 -14.96 14.62
CA LEU B 296 -8.89 -15.68 13.43
C LEU B 296 -8.35 -17.07 13.78
N ILE B 297 -7.42 -17.13 14.73
CA ILE B 297 -6.71 -18.40 14.99
C ILE B 297 -7.65 -19.52 15.41
N PRO B 298 -8.52 -19.37 16.43
CA PRO B 298 -9.45 -20.47 16.74
C PRO B 298 -10.43 -20.74 15.62
N TYR B 299 -10.79 -19.73 14.84
CA TYR B 299 -11.65 -19.96 13.68
C TYR B 299 -11.03 -20.98 12.72
N VAL B 300 -9.70 -21.02 12.65
CA VAL B 300 -9.01 -21.96 11.80
C VAL B 300 -8.70 -23.28 12.53
N LEU B 301 -8.34 -23.22 13.81
CA LEU B 301 -7.69 -24.36 14.47
C LEU B 301 -8.49 -24.99 15.61
N ASN B 302 -9.61 -24.40 16.02
CA ASN B 302 -10.44 -25.07 17.02
C ASN B 302 -10.78 -26.48 16.54
N PRO B 303 -10.77 -27.48 17.44
CA PRO B 303 -11.04 -28.85 17.00
C PRO B 303 -12.28 -29.00 16.15
N SER B 304 -13.32 -28.21 16.41
CA SER B 304 -14.54 -28.36 15.64
C SER B 304 -14.49 -27.69 14.27
N LYS B 305 -13.41 -26.96 13.95
CA LYS B 305 -13.20 -26.36 12.63
C LYS B 305 -12.22 -27.14 11.74
N LEU B 306 -11.51 -28.11 12.29
CA LEU B 306 -10.53 -28.86 11.52
C LEU B 306 -11.22 -29.77 10.51
N MET B 307 -10.97 -29.53 9.22
CA MET B 307 -11.54 -30.34 8.14
C MET B 307 -10.46 -31.24 7.56
N GLU B 308 -10.67 -32.54 7.61
CA GLU B 308 -9.71 -33.47 7.03
C GLU B 308 -9.51 -33.17 5.54
N LYS B 309 -8.26 -33.29 5.09
CA LYS B 309 -7.96 -33.15 3.67
C LYS B 309 -8.69 -34.23 2.87
N GLU B 310 -9.38 -33.80 1.82
CA GLU B 310 -10.04 -34.71 0.89
C GLU B 310 -9.48 -34.52 -0.51
N ILE B 311 -9.28 -35.65 -1.20
CA ILE B 311 -8.92 -35.68 -2.62
C ILE B 311 -9.68 -36.84 -3.24
N ASN B 312 -10.25 -36.61 -4.43
CA ASN B 312 -11.06 -37.61 -5.13
C ASN B 312 -12.25 -38.07 -4.28
N GLY B 313 -12.78 -37.17 -3.44
CA GLY B 313 -13.92 -37.53 -2.62
C GLY B 313 -13.62 -38.42 -1.44
N SER B 314 -12.35 -38.66 -1.10
CA SER B 314 -11.98 -39.47 0.05
C SER B 314 -11.00 -38.73 0.94
N LYS B 315 -11.05 -39.04 2.23
CA LYS B 315 -10.16 -38.41 3.21
C LYS B 315 -8.75 -38.96 3.07
N VAL B 316 -7.77 -38.11 3.35
CA VAL B 316 -6.36 -38.43 3.15
C VAL B 316 -5.66 -38.54 4.49
N THR B 317 -4.94 -39.63 4.70
CA THR B 317 -4.04 -39.76 5.83
C THR B 317 -2.71 -39.03 5.58
N CYS B 318 -1.88 -38.96 6.63
CA CYS B 318 -0.53 -38.43 6.49
C CYS B 318 0.27 -39.19 5.45
N ARG B 319 0.20 -40.52 5.48
CA ARG B 319 0.85 -41.32 4.46
C ARG B 319 0.33 -40.97 3.07
N GLY B 320 -1.00 -40.93 2.93
CA GLY B 320 -1.59 -40.56 1.66
C GLY B 320 -1.14 -39.19 1.18
N LEU B 321 -1.01 -38.24 2.12
CA LEU B 321 -0.47 -36.93 1.77
C LEU B 321 0.91 -37.06 1.13
N LEU B 322 1.79 -37.85 1.76
CA LEU B 322 3.12 -38.07 1.21
C LEU B 322 3.04 -38.64 -0.19
N GLU B 323 2.15 -39.63 -0.40
CA GLU B 323 2.02 -40.23 -1.72
C GLU B 323 1.54 -39.22 -2.75
N TYR B 324 0.63 -38.33 -2.36
CA TYR B 324 0.12 -37.33 -3.29
C TYR B 324 1.18 -36.30 -3.65
N PHE B 325 1.92 -35.82 -2.66
CA PHE B 325 3.05 -34.94 -2.94
C PHE B 325 3.98 -35.57 -3.97
N LYS B 326 4.26 -36.86 -3.82
CA LYS B 326 5.13 -37.54 -4.78
C LYS B 326 4.50 -37.58 -6.16
N ALA B 327 3.20 -37.90 -6.24
CA ALA B 327 2.55 -38.10 -7.52
C ALA B 327 2.36 -36.77 -8.24
N TYR B 328 2.00 -35.71 -7.49
CA TYR B 328 1.83 -34.41 -8.10
C TYR B 328 3.17 -33.85 -8.57
N ILE B 329 4.19 -33.94 -7.73
CA ILE B 329 5.54 -33.51 -8.13
C ILE B 329 5.96 -34.19 -9.43
N LYS B 330 5.63 -35.48 -9.59
CA LYS B 330 5.99 -36.20 -10.80
C LYS B 330 5.32 -35.58 -12.02
N ILE B 331 4.04 -35.23 -11.91
CA ILE B 331 3.30 -34.63 -13.01
C ILE B 331 3.94 -33.31 -13.42
N TYR B 332 4.25 -32.46 -12.45
CA TYR B 332 4.81 -31.15 -12.78
C TYR B 332 6.25 -31.24 -13.26
N GLN B 333 6.89 -32.39 -13.12
CA GLN B 333 8.21 -32.64 -13.71
C GLN B 333 8.08 -33.46 -14.99
PB GDP C . -5.11 11.61 0.03
O1B GDP C . -5.08 13.09 0.29
O2B GDP C . -3.91 11.14 -0.79
O3B GDP C . -6.36 11.18 -0.72
O3A GDP C . -5.03 10.87 1.45
PA GDP C . -5.40 11.53 2.87
O1A GDP C . -4.47 12.66 3.21
O2A GDP C . -6.84 11.99 2.94
O5' GDP C . -5.18 10.25 3.80
C5' GDP C . -5.94 9.06 3.58
C4' GDP C . -5.88 8.26 4.85
O4' GDP C . -4.52 7.90 5.14
C3' GDP C . -6.34 9.09 6.04
O3' GDP C . -7.07 8.20 6.91
C2' GDP C . -5.06 9.55 6.71
O2' GDP C . -5.21 9.79 8.11
C1' GDP C . -4.15 8.37 6.44
N9 GDP C . -2.74 8.78 6.28
C8 GDP C . -2.23 10.01 6.03
N7 GDP C . -0.88 9.93 5.89
C5 GDP C . -0.54 8.63 6.02
C6 GDP C . 0.70 7.84 5.97
O6 GDP C . 1.80 8.42 5.78
N1 GDP C . 0.60 6.51 6.15
C2 GDP C . -0.59 5.88 6.38
N2 GDP C . -0.63 4.54 6.55
N3 GDP C . -1.76 6.55 6.43
C4 GDP C . -1.78 7.89 6.27
MG MG D . -5.42 14.65 -1.95
PB GDP E . 7.17 -13.69 5.58
O1B GDP E . 5.95 -13.69 4.67
O2B GDP E . 7.24 -14.96 6.39
O3B GDP E . 8.40 -13.53 4.74
O3A GDP E . 7.09 -12.39 6.52
PA GDP E . 7.72 -12.33 8.00
O1A GDP E . 6.84 -13.03 9.00
O2A GDP E . 9.16 -12.81 8.06
O5' GDP E . 7.67 -10.75 8.24
C5' GDP E . 8.27 -9.80 7.36
C4' GDP E . 8.39 -8.50 8.15
O4' GDP E . 7.08 -7.97 8.36
C3' GDP E . 8.94 -8.74 9.55
O3' GDP E . 9.66 -7.55 9.93
C2' GDP E . 7.74 -8.85 10.46
O2' GDP E . 7.99 -8.39 11.78
C1' GDP E . 6.77 -7.93 9.78
N9 GDP E . 5.36 -8.36 9.94
C8 GDP E . 4.86 -9.57 10.33
N7 GDP E . 3.51 -9.54 10.31
C5 GDP E . 3.14 -8.30 9.88
C6 GDP E . 1.88 -7.60 9.59
O6 GDP E . 0.78 -8.16 9.78
N1 GDP E . 1.99 -6.33 9.15
C2 GDP E . 3.13 -5.66 8.97
N2 GDP E . 3.09 -4.36 8.52
N3 GDP E . 4.32 -6.26 9.19
C4 GDP E . 4.36 -7.54 9.65
MG MG F . 7.48 -17.39 5.25
#